data_1DJW
#
_entry.id   1DJW
#
_cell.length_a   397.030
_cell.length_b   397.030
_cell.length_c   397.030
_cell.angle_alpha   90.00
_cell.angle_beta   90.00
_cell.angle_gamma   90.00
#
_symmetry.space_group_name_H-M   'F 41 3 2'
#
loop_
_entity.id
_entity.type
_entity.pdbx_description
1 polymer 'PHOSPHOINOSITIDE-SPECIFIC PHOSPHOLIPASE C, ISOZYME DELTA1'
2 non-polymer 'CALCIUM ION'
3 non-polymer 'ACETATE ION'
4 non-polymer INOSITOL-2-METHYLENE-1,2-CYCLIC-MONOPHOSPHATE
5 water water
#
_entity_poly.entity_id   1
_entity_poly.type   'polypeptide(L)'
_entity_poly.pdbx_seq_one_letter_code
;GSMDQRQKLQHWIHSCLRKADKNKDNKMNFKELKDFLKELNIQVDDGYARKIFRECDHSQTDSLEDEEIETFYKMLTQRA
EIDRAFEEAAGSAETLSVERLVTFLQHQQREEEAGPALALSLIERYEPSETAKAQRQMTKDGFLMYLLSADGNAFSLAHR
RVYQDMDQPLSHYLVSSSHNTYLLEDQLTGPSSTEAYIRALCKGCRCLELDCWDGPNQEPIIYHGYTFTSKILFCDVLRA
IRDYAFKASPYPVILSLENHCSLEQQRVMARHLRAILGPILLDQPLDGVTTSLPSPEQLKGKILLKGKKLGGLLPAGGEN
GSEATDVSDEVEAAEMEDEAVRSQVQHKPKEDKLKLVPELSDMIIYCKSVHFGGFSSPGTSGQAFYEMASFSESRALRLL
QESGNGFVRHNVSCLSRIYPAGWRTDSSNYSPVEMWNGGCQIVALNFQTPGPEMDVYLGCFQDNGGCGYVLKPAFLRDPN
TTFNSRALTQGPWWRPERLRVRIISGQQLPKVNKNKNSIVDPKVIVEIHGVGRDTGSRQTAVITNNGFNPRWDMEFEFEV
TVPDLALVRFMVEDYDSSSKNDFIGQSTIPWNSLKQGYRHVHLLSKNGDQHPSATLFVKISIQD
;
_entity_poly.pdbx_strand_id   A,B
#
loop_
_chem_comp.id
_chem_comp.type
_chem_comp.name
_chem_comp.formula
ACT non-polymer 'ACETATE ION' 'C2 H3 O2 -1'
CA non-polymer 'CALCIUM ION' 'Ca 2'
CIP non-polymer INOSITOL-2-METHYLENE-1,2-CYCLIC-MONOPHOSPHATE 'C7 H13 O7 P'
#
# COMPACT_ATOMS: atom_id res chain seq x y z
N GLU A 68 10.94 -33.18 37.86
CA GLU A 68 10.57 -33.51 36.46
C GLU A 68 9.06 -33.50 36.31
N ILE A 69 8.38 -34.02 37.33
CA ILE A 69 6.91 -34.06 37.38
C ILE A 69 6.45 -32.59 37.33
N GLU A 70 7.35 -31.71 37.79
CA GLU A 70 7.12 -30.28 37.72
C GLU A 70 7.31 -29.98 36.21
N THR A 71 8.59 -30.00 35.82
CA THR A 71 9.07 -29.78 34.44
C THR A 71 8.09 -30.23 33.36
N PHE A 72 7.59 -31.47 33.49
CA PHE A 72 6.62 -32.03 32.56
C PHE A 72 5.30 -31.31 32.44
N TYR A 73 4.51 -31.33 33.53
CA TYR A 73 3.22 -30.65 33.50
C TYR A 73 3.58 -29.22 33.16
N LYS A 74 4.77 -28.81 33.62
CA LYS A 74 5.26 -27.48 33.29
C LYS A 74 5.89 -27.46 31.87
N MET A 75 5.95 -28.63 31.22
CA MET A 75 6.53 -28.70 29.87
C MET A 75 5.48 -28.97 28.82
N LEU A 76 4.75 -30.03 29.09
CA LEU A 76 3.69 -30.44 28.20
C LEU A 76 2.83 -29.20 28.17
N THR A 77 2.53 -28.69 29.36
CA THR A 77 1.79 -27.46 29.47
C THR A 77 2.72 -26.22 29.44
N GLN A 78 3.13 -25.78 28.24
CA GLN A 78 4.01 -24.61 28.11
C GLN A 78 4.00 -24.04 26.68
N ARG A 79 3.40 -22.84 26.53
CA ARG A 79 3.19 -22.18 25.25
C ARG A 79 3.96 -20.89 25.06
N ALA A 80 5.02 -21.01 24.30
CA ALA A 80 5.89 -19.89 23.97
C ALA A 80 5.17 -18.70 23.41
N GLU A 81 4.34 -18.96 22.42
CA GLU A 81 3.63 -17.89 21.74
C GLU A 81 2.86 -17.16 22.80
N ILE A 82 2.38 -17.90 23.78
CA ILE A 82 1.62 -17.26 24.84
C ILE A 82 2.57 -16.40 25.67
N ASP A 83 3.70 -16.98 26.05
CA ASP A 83 4.71 -16.28 26.81
C ASP A 83 5.07 -14.98 26.14
N ARG A 84 5.46 -15.11 24.88
CA ARG A 84 5.82 -13.97 24.09
C ARG A 84 4.72 -12.90 24.13
N ALA A 85 3.49 -13.31 23.88
CA ALA A 85 2.38 -12.38 23.87
C ALA A 85 2.28 -11.65 25.20
N PHE A 86 2.52 -12.38 26.29
CA PHE A 86 2.38 -11.76 27.59
C PHE A 86 3.48 -10.75 27.79
N GLU A 87 4.67 -11.16 27.41
CA GLU A 87 5.84 -10.34 27.50
C GLU A 87 5.57 -8.99 26.88
N GLU A 88 5.36 -8.96 25.56
CA GLU A 88 5.06 -7.73 24.84
C GLU A 88 4.02 -6.89 25.51
N ALA A 89 2.99 -7.53 26.00
CA ALA A 89 1.95 -6.78 26.63
C ALA A 89 2.47 -6.23 27.94
N ALA A 90 2.97 -7.11 28.79
CA ALA A 90 3.40 -6.74 30.13
C ALA A 90 4.76 -6.10 30.21
N GLY A 91 5.55 -6.35 29.18
CA GLY A 91 6.91 -5.83 29.15
C GLY A 91 7.68 -6.48 30.29
N SER A 92 8.55 -5.68 30.90
CA SER A 92 9.40 -6.10 32.03
C SER A 92 8.64 -6.78 33.15
N ALA A 93 7.56 -6.15 33.60
CA ALA A 93 6.76 -6.66 34.70
C ALA A 93 6.42 -8.12 34.60
N GLU A 94 6.11 -8.68 35.75
CA GLU A 94 5.76 -10.09 35.83
C GLU A 94 4.24 -10.09 35.87
N THR A 95 3.68 -8.90 35.77
CA THR A 95 2.25 -8.79 35.86
C THR A 95 1.72 -7.77 34.89
N LEU A 96 0.42 -7.79 34.65
CA LEU A 96 -0.21 -6.81 33.80
C LEU A 96 -1.09 -5.97 34.72
N SER A 97 -0.79 -4.67 34.73
CA SER A 97 -1.55 -3.70 35.50
C SER A 97 -2.72 -3.33 34.66
N VAL A 98 -3.78 -2.93 35.32
CA VAL A 98 -4.99 -2.53 34.63
C VAL A 98 -4.71 -1.59 33.48
N GLU A 99 -3.66 -0.84 33.57
CA GLU A 99 -3.36 0.01 32.47
C GLU A 99 -2.60 -0.68 31.39
N ARG A 100 -1.77 -1.61 31.81
CA ARG A 100 -1.02 -2.38 30.86
C ARG A 100 -1.91 -3.43 30.28
N LEU A 101 -3.14 -3.60 30.76
CA LEU A 101 -4.06 -4.55 30.18
C LEU A 101 -4.95 -3.79 29.19
N VAL A 102 -5.33 -2.58 29.61
CA VAL A 102 -6.12 -1.71 28.79
C VAL A 102 -5.46 -1.50 27.43
N THR A 103 -4.24 -1.03 27.41
CA THR A 103 -3.52 -0.81 26.15
C THR A 103 -3.52 -2.08 25.23
N PHE A 104 -3.53 -3.27 25.83
CA PHE A 104 -3.49 -4.55 25.14
C PHE A 104 -4.85 -4.70 24.53
N LEU A 105 -5.86 -4.55 25.38
CA LEU A 105 -7.22 -4.60 24.93
C LEU A 105 -7.49 -3.66 23.73
N GLN A 106 -6.85 -2.47 23.76
CA GLN A 106 -7.02 -1.49 22.69
C GLN A 106 -6.07 -1.70 21.57
N HIS A 107 -4.80 -1.76 21.91
CA HIS A 107 -3.87 -1.89 20.84
C HIS A 107 -3.89 -3.20 20.13
N GLN A 108 -3.99 -4.29 20.90
CA GLN A 108 -3.97 -5.64 20.37
C GLN A 108 -5.37 -6.18 20.05
N GLN A 109 -6.20 -6.32 21.06
CA GLN A 109 -7.50 -6.87 20.87
C GLN A 109 -8.46 -5.94 20.20
N ARG A 110 -8.04 -4.69 20.03
CA ARG A 110 -8.86 -3.69 19.41
C ARG A 110 -10.27 -3.61 19.98
N GLU A 111 -10.41 -3.76 21.27
CA GLU A 111 -11.76 -3.67 21.83
C GLU A 111 -12.21 -2.24 21.74
N GLU A 112 -13.47 -2.05 21.39
CA GLU A 112 -14.01 -0.71 21.27
C GLU A 112 -14.33 -0.19 22.64
N GLU A 113 -14.87 -1.09 23.46
CA GLU A 113 -15.19 -0.76 24.81
C GLU A 113 -13.93 -0.84 25.67
N ALA A 114 -12.76 -0.73 25.03
CA ALA A 114 -11.50 -0.78 25.77
C ALA A 114 -11.52 0.26 26.88
N GLY A 115 -11.09 -0.15 28.06
CA GLY A 115 -11.06 0.74 29.20
C GLY A 115 -10.98 -0.07 30.46
N PRO A 116 -10.59 0.60 31.52
CA PRO A 116 -10.45 0.00 32.82
C PRO A 116 -11.63 -0.90 33.21
N ALA A 117 -12.83 -0.51 32.81
CA ALA A 117 -13.99 -1.30 33.18
C ALA A 117 -13.90 -2.72 32.66
N LEU A 118 -13.60 -2.84 31.36
CA LEU A 118 -13.47 -4.15 30.71
C LEU A 118 -12.32 -4.91 31.37
N ALA A 119 -11.14 -4.28 31.37
CA ALA A 119 -9.93 -4.85 31.98
C ALA A 119 -10.22 -5.44 33.34
N LEU A 120 -10.87 -4.66 34.17
CA LEU A 120 -11.19 -5.10 35.49
C LEU A 120 -12.10 -6.31 35.53
N SER A 121 -13.03 -6.36 34.60
CA SER A 121 -13.97 -7.48 34.59
C SER A 121 -13.19 -8.67 34.11
N LEU A 122 -12.26 -8.45 33.18
CA LEU A 122 -11.47 -9.55 32.67
C LEU A 122 -10.71 -10.14 33.84
N ILE A 123 -9.97 -9.29 34.54
CA ILE A 123 -9.23 -9.71 35.71
C ILE A 123 -10.13 -10.35 36.77
N GLU A 124 -11.28 -9.74 37.02
CA GLU A 124 -12.18 -10.32 38.01
C GLU A 124 -12.63 -11.69 37.53
N ARG A 125 -12.93 -11.77 36.24
CA ARG A 125 -13.43 -13.00 35.68
C ARG A 125 -12.40 -14.08 35.52
N TYR A 126 -11.22 -13.70 35.09
CA TYR A 126 -10.23 -14.70 34.76
C TYR A 126 -8.96 -14.88 35.59
N GLU A 127 -8.60 -13.89 36.41
CA GLU A 127 -7.37 -13.98 37.18
C GLU A 127 -7.40 -15.01 38.29
N PRO A 128 -6.49 -15.97 38.21
CA PRO A 128 -6.40 -17.04 39.22
C PRO A 128 -5.73 -16.60 40.55
N SER A 129 -4.75 -15.71 40.48
CA SER A 129 -4.08 -15.26 41.69
C SER A 129 -4.92 -14.28 42.51
N GLU A 130 -5.19 -14.66 43.76
CA GLU A 130 -5.96 -13.81 44.65
C GLU A 130 -5.21 -12.52 44.91
N THR A 131 -3.90 -12.63 45.00
CA THR A 131 -3.12 -11.44 45.20
C THR A 131 -3.29 -10.53 44.01
N ALA A 132 -2.97 -11.00 42.82
CA ALA A 132 -3.07 -10.17 41.62
C ALA A 132 -4.48 -9.68 41.41
N LYS A 133 -5.45 -10.53 41.66
CA LYS A 133 -6.82 -10.17 41.50
C LYS A 133 -7.12 -8.95 42.35
N ALA A 134 -7.06 -9.15 43.67
CA ALA A 134 -7.32 -8.10 44.63
C ALA A 134 -6.57 -6.84 44.30
N GLN A 135 -5.36 -7.00 43.81
CA GLN A 135 -4.54 -5.85 43.48
C GLN A 135 -4.71 -5.34 42.07
N ARG A 136 -5.82 -5.72 41.45
CA ARG A 136 -6.13 -5.29 40.09
C ARG A 136 -4.99 -5.48 39.07
N GLN A 137 -4.48 -6.70 39.00
CA GLN A 137 -3.42 -7.05 38.04
C GLN A 137 -3.66 -8.43 37.44
N MET A 138 -3.06 -8.67 36.28
CA MET A 138 -3.24 -9.96 35.63
C MET A 138 -1.91 -10.67 35.44
N THR A 139 -1.90 -11.95 35.78
CA THR A 139 -0.69 -12.75 35.62
C THR A 139 -0.72 -13.44 34.27
N LYS A 140 0.37 -14.10 33.91
CA LYS A 140 0.39 -14.82 32.67
C LYS A 140 -0.71 -15.87 32.66
N ASP A 141 -0.95 -16.47 33.82
CA ASP A 141 -2.00 -17.47 33.94
C ASP A 141 -3.36 -16.90 33.62
N GLY A 142 -3.68 -15.77 34.23
CA GLY A 142 -4.96 -15.10 33.98
C GLY A 142 -5.01 -14.61 32.53
N PHE A 143 -3.85 -14.24 31.99
CA PHE A 143 -3.75 -13.79 30.62
C PHE A 143 -4.19 -14.95 29.69
N LEU A 144 -3.65 -16.14 29.92
CA LEU A 144 -4.02 -17.31 29.15
C LEU A 144 -5.47 -17.68 29.34
N MET A 145 -5.93 -17.62 30.58
CA MET A 145 -7.31 -17.96 30.81
C MET A 145 -8.22 -17.02 30.10
N TYR A 146 -7.87 -15.75 30.07
CA TYR A 146 -8.73 -14.80 29.36
C TYR A 146 -8.78 -15.26 27.88
N LEU A 147 -7.59 -15.46 27.32
CA LEU A 147 -7.39 -15.89 25.94
C LEU A 147 -8.06 -17.21 25.54
N LEU A 148 -8.34 -18.09 26.51
CA LEU A 148 -9.01 -19.34 26.20
C LEU A 148 -10.48 -19.28 26.52
N SER A 149 -10.92 -18.16 27.07
CA SER A 149 -12.30 -17.95 27.46
C SER A 149 -13.20 -17.49 26.32
N ALA A 150 -14.48 -17.31 26.65
CA ALA A 150 -15.44 -16.83 25.70
C ALA A 150 -15.07 -15.43 25.30
N ASP A 151 -14.25 -14.77 26.13
CA ASP A 151 -13.83 -13.39 25.85
C ASP A 151 -12.64 -13.41 24.96
N GLY A 152 -11.88 -14.49 24.99
CA GLY A 152 -10.71 -14.64 24.10
C GLY A 152 -11.07 -15.31 22.74
N ASN A 153 -12.30 -15.80 22.64
CA ASN A 153 -12.81 -16.43 21.43
C ASN A 153 -12.75 -15.53 20.23
N ALA A 154 -12.34 -16.11 19.09
CA ALA A 154 -12.30 -15.36 17.83
C ALA A 154 -13.73 -15.03 17.39
N PHE A 155 -14.70 -15.80 17.90
CA PHE A 155 -16.09 -15.55 17.59
C PHE A 155 -16.64 -14.65 18.68
N SER A 156 -16.91 -13.40 18.31
CA SER A 156 -17.41 -12.38 19.23
C SER A 156 -18.46 -12.80 20.24
N LEU A 157 -18.06 -12.78 21.51
CA LEU A 157 -18.96 -13.11 22.59
C LEU A 157 -20.19 -12.23 22.56
N ALA A 158 -20.01 -10.97 22.24
CA ALA A 158 -21.15 -10.05 22.20
C ALA A 158 -22.22 -10.51 21.25
N HIS A 159 -21.81 -11.09 20.13
CA HIS A 159 -22.74 -11.52 19.09
C HIS A 159 -23.41 -12.82 19.39
N ARG A 160 -22.98 -13.45 20.46
CA ARG A 160 -23.55 -14.71 20.88
C ARG A 160 -24.78 -14.58 21.74
N ARG A 161 -25.48 -13.46 21.61
CA ARG A 161 -26.72 -13.19 22.33
C ARG A 161 -27.51 -12.36 21.35
N VAL A 162 -28.83 -12.40 21.43
CA VAL A 162 -29.59 -11.61 20.47
C VAL A 162 -29.24 -10.16 20.66
N TYR A 163 -28.72 -9.54 19.63
CA TYR A 163 -28.34 -8.15 19.75
C TYR A 163 -28.82 -7.34 18.57
N GLN A 164 -29.54 -7.98 17.64
CA GLN A 164 -29.98 -7.28 16.44
C GLN A 164 -31.43 -6.79 16.49
N ASP A 165 -31.78 -5.94 15.51
CA ASP A 165 -33.13 -5.42 15.42
C ASP A 165 -34.09 -6.53 15.02
N MET A 166 -34.89 -6.99 15.98
CA MET A 166 -35.84 -8.05 15.71
C MET A 166 -37.24 -7.55 15.39
N ASP A 167 -37.32 -6.30 14.93
CA ASP A 167 -38.62 -5.70 14.63
C ASP A 167 -39.02 -5.49 13.18
N GLN A 168 -38.15 -5.88 12.26
CA GLN A 168 -38.46 -5.72 10.84
C GLN A 168 -39.27 -6.90 10.35
N PRO A 169 -39.78 -6.81 9.12
CA PRO A 169 -40.58 -7.89 8.57
C PRO A 169 -39.65 -9.07 8.31
N LEU A 170 -40.22 -10.28 8.43
CA LEU A 170 -39.46 -11.52 8.24
C LEU A 170 -38.50 -11.48 7.06
N SER A 171 -38.97 -10.90 5.96
CA SER A 171 -38.20 -10.82 4.70
C SER A 171 -36.81 -10.16 4.83
N HIS A 172 -36.58 -9.47 5.94
CA HIS A 172 -35.32 -8.78 6.15
C HIS A 172 -34.26 -9.59 6.91
N TYR A 173 -34.60 -10.83 7.20
CA TYR A 173 -33.72 -11.68 7.96
C TYR A 173 -33.38 -12.93 7.16
N LEU A 174 -32.19 -13.45 7.39
CA LEU A 174 -31.82 -14.74 6.81
C LEU A 174 -32.44 -15.64 7.87
N VAL A 175 -33.09 -16.72 7.47
CA VAL A 175 -33.74 -17.60 8.43
C VAL A 175 -33.16 -18.97 8.32
N SER A 176 -32.84 -19.58 9.46
CA SER A 176 -32.27 -20.92 9.47
C SER A 176 -33.34 -21.88 8.98
N SER A 177 -33.05 -22.58 7.88
CA SER A 177 -34.02 -23.48 7.23
C SER A 177 -33.48 -24.84 6.83
N SER A 178 -34.31 -25.86 6.99
CA SER A 178 -33.92 -27.22 6.70
C SER A 178 -34.71 -27.80 5.55
N HIS A 179 -34.13 -28.76 4.85
CA HIS A 179 -34.78 -29.38 3.74
C HIS A 179 -35.09 -30.81 4.10
N ASN A 180 -36.35 -31.22 3.87
CA ASN A 180 -36.82 -32.60 4.12
C ASN A 180 -36.34 -32.99 5.47
N THR A 181 -36.69 -32.14 6.42
CA THR A 181 -36.27 -32.25 7.77
C THR A 181 -36.41 -33.62 8.38
N TYR A 182 -37.43 -34.36 7.98
CA TYR A 182 -37.67 -35.69 8.53
C TYR A 182 -36.59 -36.70 8.26
N LEU A 183 -35.75 -36.43 7.27
CA LEU A 183 -34.73 -37.39 6.86
C LEU A 183 -33.46 -37.37 7.67
N LEU A 184 -32.93 -38.56 7.95
CA LEU A 184 -31.73 -38.70 8.74
C LEU A 184 -30.54 -38.97 7.85
N GLU A 185 -30.79 -39.51 6.67
CA GLU A 185 -29.71 -39.84 5.75
C GLU A 185 -29.98 -39.41 4.32
N ASP A 186 -29.96 -40.37 3.37
CA ASP A 186 -30.18 -40.10 1.93
C ASP A 186 -31.64 -39.84 1.58
N GLN A 187 -31.90 -39.40 0.37
CA GLN A 187 -33.25 -39.09 -0.04
C GLN A 187 -34.07 -40.23 -0.61
N LEU A 188 -33.43 -41.39 -0.75
CA LEU A 188 -34.00 -42.52 -1.45
C LEU A 188 -34.45 -43.73 -0.65
N THR A 189 -33.64 -44.12 0.31
CA THR A 189 -33.98 -45.26 1.12
C THR A 189 -33.60 -45.15 2.59
N GLY A 190 -33.04 -44.02 3.00
CA GLY A 190 -32.62 -43.87 4.39
C GLY A 190 -33.86 -43.68 5.23
N PRO A 191 -33.68 -43.65 6.54
CA PRO A 191 -34.79 -43.52 7.47
C PRO A 191 -35.21 -42.11 7.72
N SER A 192 -36.45 -41.96 8.19
CA SER A 192 -37.01 -40.71 8.60
C SER A 192 -37.23 -40.90 10.09
N SER A 193 -37.30 -39.80 10.82
CA SER A 193 -37.49 -39.86 12.26
C SER A 193 -37.80 -38.52 12.86
N THR A 194 -38.56 -38.54 13.95
CA THR A 194 -38.90 -37.29 14.66
C THR A 194 -37.60 -36.71 15.19
N GLU A 195 -36.68 -37.61 15.42
CA GLU A 195 -35.37 -37.25 15.90
C GLU A 195 -34.75 -36.22 14.98
N ALA A 196 -34.92 -36.42 13.67
CA ALA A 196 -34.35 -35.50 12.72
C ALA A 196 -34.87 -34.12 12.96
N TYR A 197 -36.13 -34.03 13.30
CA TYR A 197 -36.73 -32.73 13.58
C TYR A 197 -36.18 -32.14 14.88
N ILE A 198 -36.05 -32.99 15.89
CA ILE A 198 -35.57 -32.53 17.18
C ILE A 198 -34.15 -31.99 16.98
N ARG A 199 -33.33 -32.78 16.32
CA ARG A 199 -31.97 -32.38 16.02
C ARG A 199 -31.92 -31.00 15.35
N ALA A 200 -32.65 -30.83 14.28
CA ALA A 200 -32.61 -29.56 13.57
C ALA A 200 -33.02 -28.42 14.47
N LEU A 201 -34.10 -28.64 15.20
CA LEU A 201 -34.60 -27.60 16.07
C LEU A 201 -33.54 -27.28 17.12
N CYS A 202 -32.85 -28.31 17.61
CA CYS A 202 -31.82 -28.07 18.62
C CYS A 202 -30.63 -27.32 18.07
N LYS A 203 -30.49 -27.31 16.75
CA LYS A 203 -29.40 -26.56 16.14
C LYS A 203 -29.89 -25.20 15.75
N GLY A 204 -31.06 -24.81 16.24
CA GLY A 204 -31.61 -23.47 15.96
C GLY A 204 -32.46 -23.34 14.70
N CYS A 205 -32.67 -24.43 13.98
CA CYS A 205 -33.46 -24.37 12.77
C CYS A 205 -34.84 -23.77 13.02
N ARG A 206 -35.26 -22.84 12.17
CA ARG A 206 -36.57 -22.18 12.33
C ARG A 206 -37.62 -22.67 11.33
N CYS A 207 -37.20 -22.94 10.12
CA CYS A 207 -38.13 -23.34 9.09
C CYS A 207 -37.95 -24.81 8.75
N LEU A 208 -38.96 -25.62 9.05
CA LEU A 208 -38.91 -27.08 8.83
C LEU A 208 -39.83 -27.57 7.71
N GLU A 209 -39.57 -28.76 7.22
CA GLU A 209 -40.35 -29.31 6.13
C GLU A 209 -41.11 -30.54 6.50
N LEU A 210 -42.38 -30.57 6.14
CA LEU A 210 -43.17 -31.77 6.38
C LEU A 210 -43.81 -32.21 5.08
N ASP A 211 -43.47 -33.44 4.65
CA ASP A 211 -44.02 -34.03 3.41
C ASP A 211 -45.10 -35.00 3.82
N CYS A 212 -46.34 -34.55 3.72
CA CYS A 212 -47.49 -35.30 4.15
C CYS A 212 -48.19 -36.14 3.09
N TRP A 213 -48.34 -37.41 3.42
CA TRP A 213 -48.98 -38.39 2.58
C TRP A 213 -49.99 -39.17 3.42
N ASP A 214 -51.06 -39.64 2.79
CA ASP A 214 -52.07 -40.41 3.49
C ASP A 214 -51.43 -41.65 4.08
N GLY A 215 -51.87 -42.03 5.27
CA GLY A 215 -51.32 -43.21 5.91
C GLY A 215 -52.47 -44.11 6.36
N PRO A 216 -52.11 -45.32 6.82
CA PRO A 216 -53.08 -46.28 7.31
C PRO A 216 -53.86 -45.70 8.47
N ASN A 217 -55.05 -46.26 8.67
CA ASN A 217 -55.93 -45.85 9.72
C ASN A 217 -56.14 -44.34 9.78
N GLN A 218 -56.36 -43.74 8.62
CA GLN A 218 -56.67 -42.31 8.58
C GLN A 218 -55.66 -41.46 9.32
N GLU A 219 -54.45 -41.98 9.44
CA GLU A 219 -53.41 -41.24 10.11
C GLU A 219 -52.37 -40.83 9.09
N PRO A 220 -52.26 -39.53 8.82
CA PRO A 220 -51.30 -39.02 7.84
C PRO A 220 -49.86 -39.37 8.21
N ILE A 221 -49.06 -39.70 7.21
CA ILE A 221 -47.66 -40.00 7.42
C ILE A 221 -46.74 -38.99 6.75
N ILE A 222 -45.47 -39.09 7.10
CA ILE A 222 -44.46 -38.19 6.55
C ILE A 222 -43.29 -39.02 6.06
N TYR A 223 -42.91 -38.77 4.83
CA TYR A 223 -41.80 -39.45 4.23
C TYR A 223 -41.54 -38.82 2.86
N HIS A 224 -40.52 -39.31 2.18
CA HIS A 224 -40.18 -38.76 0.88
C HIS A 224 -40.95 -39.47 -0.21
N GLY A 225 -41.97 -38.78 -0.70
CA GLY A 225 -42.85 -39.32 -1.72
C GLY A 225 -42.12 -40.00 -2.86
N TYR A 226 -42.60 -41.18 -3.24
CA TYR A 226 -42.03 -41.91 -4.36
C TYR A 226 -40.66 -42.50 -4.12
N THR A 227 -40.30 -42.72 -2.87
CA THR A 227 -39.00 -43.32 -2.62
C THR A 227 -39.23 -44.39 -1.62
N PHE A 228 -38.14 -45.00 -1.18
CA PHE A 228 -38.15 -46.04 -0.18
C PHE A 228 -37.72 -45.53 1.19
N THR A 229 -37.75 -44.22 1.41
CA THR A 229 -37.38 -43.70 2.73
C THR A 229 -38.42 -44.19 3.76
N SER A 230 -37.99 -44.49 4.99
CA SER A 230 -38.88 -44.93 6.04
C SER A 230 -39.86 -43.83 6.44
N LYS A 231 -40.96 -44.23 7.08
CA LYS A 231 -42.02 -43.32 7.35
C LYS A 231 -42.18 -43.04 8.81
N ILE A 232 -42.91 -41.97 9.09
CA ILE A 232 -43.24 -41.58 10.45
C ILE A 232 -44.62 -40.91 10.44
N LEU A 233 -45.22 -40.73 11.63
CA LEU A 233 -46.52 -40.09 11.73
C LEU A 233 -46.50 -38.60 11.78
N PHE A 234 -47.39 -37.99 11.03
CA PHE A 234 -47.53 -36.54 11.06
C PHE A 234 -47.78 -36.11 12.51
N CYS A 235 -48.62 -36.83 13.26
CA CYS A 235 -48.90 -36.41 14.65
C CYS A 235 -47.69 -36.50 15.53
N ASP A 236 -46.95 -37.58 15.41
CA ASP A 236 -45.74 -37.75 16.19
C ASP A 236 -44.80 -36.59 15.88
N VAL A 237 -44.78 -36.17 14.63
CA VAL A 237 -43.88 -35.10 14.29
C VAL A 237 -44.32 -33.83 14.95
N LEU A 238 -45.61 -33.60 15.00
CA LEU A 238 -46.11 -32.37 15.60
C LEU A 238 -45.79 -32.24 17.08
N ARG A 239 -45.81 -33.35 17.78
CA ARG A 239 -45.53 -33.28 19.19
C ARG A 239 -44.09 -32.86 19.38
N ALA A 240 -43.19 -33.49 18.62
CA ALA A 240 -41.75 -33.19 18.71
C ALA A 240 -41.48 -31.73 18.40
N ILE A 241 -42.13 -31.22 17.36
CA ILE A 241 -41.93 -29.83 17.01
C ILE A 241 -42.41 -29.00 18.15
N ARG A 242 -43.57 -29.38 18.68
CA ARG A 242 -44.17 -28.68 19.81
C ARG A 242 -43.21 -28.63 20.96
N ASP A 243 -42.64 -29.78 21.25
CA ASP A 243 -41.75 -29.85 22.36
C ASP A 243 -40.43 -29.14 22.19
N TYR A 244 -39.99 -28.93 20.95
CA TYR A 244 -38.67 -28.34 20.80
C TYR A 244 -38.60 -27.03 20.08
N ALA A 245 -39.72 -26.64 19.50
CA ALA A 245 -39.78 -25.44 18.72
C ALA A 245 -39.03 -24.25 19.26
N PHE A 246 -39.02 -24.11 20.57
CA PHE A 246 -38.35 -22.92 21.12
C PHE A 246 -37.27 -23.18 22.13
N LYS A 247 -36.80 -24.40 22.17
CA LYS A 247 -35.74 -24.73 23.08
C LYS A 247 -34.54 -23.86 22.77
N ALA A 248 -34.27 -23.65 21.49
CA ALA A 248 -33.10 -22.86 21.10
C ALA A 248 -33.34 -21.40 20.77
N SER A 249 -34.58 -21.01 20.59
CA SER A 249 -34.84 -19.63 20.27
C SER A 249 -36.30 -19.42 20.51
N PRO A 250 -36.66 -18.18 20.73
CA PRO A 250 -38.03 -17.80 21.02
C PRO A 250 -38.73 -17.34 19.77
N TYR A 251 -37.97 -17.09 18.70
CA TYR A 251 -38.54 -16.61 17.45
C TYR A 251 -39.30 -17.67 16.69
N PRO A 252 -40.26 -17.23 15.88
CA PRO A 252 -41.14 -18.14 15.14
C PRO A 252 -40.53 -19.28 14.34
N VAL A 253 -41.22 -20.42 14.37
CA VAL A 253 -40.89 -21.59 13.58
C VAL A 253 -41.89 -21.64 12.40
N ILE A 254 -41.41 -21.90 11.20
CA ILE A 254 -42.27 -21.96 10.02
C ILE A 254 -42.30 -23.41 9.54
N LEU A 255 -43.49 -23.97 9.37
CA LEU A 255 -43.63 -25.33 8.88
C LEU A 255 -44.09 -25.26 7.44
N SER A 256 -43.26 -25.83 6.59
CA SER A 256 -43.52 -25.87 5.18
C SER A 256 -44.19 -27.20 4.95
N LEU A 257 -45.46 -27.14 4.60
CA LEU A 257 -46.21 -28.35 4.35
C LEU A 257 -46.24 -28.64 2.85
N GLU A 258 -45.85 -29.85 2.49
CA GLU A 258 -45.95 -30.27 1.13
C GLU A 258 -47.04 -31.31 1.30
N ASN A 259 -48.24 -30.95 0.89
CA ASN A 259 -49.40 -31.76 1.13
C ASN A 259 -49.90 -32.66 0.02
N HIS A 260 -49.81 -33.96 0.23
CA HIS A 260 -50.28 -34.93 -0.74
C HIS A 260 -51.41 -35.74 -0.14
N CYS A 261 -52.14 -35.15 0.78
CA CYS A 261 -53.16 -35.89 1.45
C CYS A 261 -54.54 -35.78 0.85
N SER A 262 -55.30 -36.85 0.97
CA SER A 262 -56.68 -36.91 0.54
C SER A 262 -57.38 -35.83 1.36
N LEU A 263 -58.56 -35.41 0.94
CA LEU A 263 -59.25 -34.37 1.69
C LEU A 263 -59.53 -34.83 3.11
N GLU A 264 -59.84 -36.12 3.26
CA GLU A 264 -60.12 -36.62 4.60
C GLU A 264 -58.90 -36.45 5.49
N GLN A 265 -57.79 -37.06 5.07
CA GLN A 265 -56.56 -37.00 5.84
C GLN A 265 -56.03 -35.57 6.03
N GLN A 266 -56.37 -34.68 5.09
CA GLN A 266 -56.00 -33.28 5.24
C GLN A 266 -56.76 -32.77 6.45
N ARG A 267 -58.03 -33.12 6.55
CA ARG A 267 -58.84 -32.68 7.67
C ARG A 267 -58.19 -33.16 8.96
N VAL A 268 -57.77 -34.41 8.94
CA VAL A 268 -57.09 -34.99 10.08
C VAL A 268 -55.85 -34.14 10.43
N MET A 269 -55.08 -33.75 9.40
CA MET A 269 -53.92 -32.93 9.61
C MET A 269 -54.32 -31.68 10.36
N ALA A 270 -55.31 -30.98 9.83
CA ALA A 270 -55.76 -29.75 10.48
C ALA A 270 -56.17 -29.99 11.91
N ARG A 271 -56.82 -31.12 12.16
CA ARG A 271 -57.24 -31.43 13.51
C ARG A 271 -56.02 -31.52 14.42
N HIS A 272 -55.07 -32.35 14.00
CA HIS A 272 -53.83 -32.55 14.73
C HIS A 272 -53.11 -31.21 15.00
N LEU A 273 -52.99 -30.38 13.96
CA LEU A 273 -52.29 -29.11 14.09
C LEU A 273 -52.87 -28.32 15.24
N ARG A 274 -54.17 -28.16 15.21
CA ARG A 274 -54.87 -27.40 16.24
C ARG A 274 -54.74 -28.11 17.58
N ALA A 275 -55.05 -29.38 17.58
CA ALA A 275 -55.01 -30.14 18.80
C ALA A 275 -53.67 -30.12 19.48
N ILE A 276 -52.64 -30.30 18.68
CA ILE A 276 -51.31 -30.44 19.20
C ILE A 276 -50.58 -29.15 19.40
N LEU A 277 -50.64 -28.28 18.42
CA LEU A 277 -49.95 -27.01 18.53
C LEU A 277 -50.73 -26.06 19.40
N GLY A 278 -52.04 -26.19 19.33
CA GLY A 278 -52.92 -25.36 20.09
C GLY A 278 -52.59 -23.89 19.89
N PRO A 279 -52.43 -23.18 21.00
CA PRO A 279 -52.15 -21.77 20.97
C PRO A 279 -50.85 -21.39 20.28
N ILE A 280 -49.89 -22.29 20.19
CA ILE A 280 -48.63 -21.90 19.54
C ILE A 280 -48.90 -21.58 18.08
N LEU A 281 -49.77 -22.38 17.50
CA LEU A 281 -50.11 -22.25 16.11
C LEU A 281 -50.69 -20.87 15.86
N LEU A 282 -50.24 -20.23 14.79
CA LEU A 282 -50.78 -18.91 14.40
C LEU A 282 -51.84 -19.21 13.35
N ASP A 283 -53.11 -18.96 13.67
CA ASP A 283 -54.17 -19.26 12.71
C ASP A 283 -54.97 -18.05 12.28
N GLN A 284 -54.48 -16.86 12.62
CA GLN A 284 -55.17 -15.61 12.27
C GLN A 284 -54.15 -14.52 11.96
N PRO A 285 -54.46 -13.61 11.03
CA PRO A 285 -53.53 -12.52 10.74
C PRO A 285 -53.31 -11.75 12.03
N LEU A 286 -52.27 -10.93 12.05
CA LEU A 286 -51.96 -10.14 13.24
C LEU A 286 -52.63 -8.77 13.08
N ASP A 287 -53.34 -8.32 14.11
CA ASP A 287 -54.02 -7.01 14.07
C ASP A 287 -52.95 -5.97 13.71
N GLY A 288 -53.27 -5.13 12.74
CA GLY A 288 -52.30 -4.20 12.20
C GLY A 288 -51.78 -5.09 11.06
N VAL A 289 -50.44 -5.28 11.00
CA VAL A 289 -49.76 -6.14 9.99
C VAL A 289 -50.49 -6.15 8.65
N THR A 290 -50.52 -4.98 8.02
CA THR A 290 -51.29 -4.79 6.80
C THR A 290 -50.51 -4.84 5.50
N THR A 291 -49.46 -4.04 5.40
CA THR A 291 -48.67 -3.96 4.16
C THR A 291 -47.37 -4.76 4.13
N SER A 292 -47.02 -5.38 5.27
CA SER A 292 -45.80 -6.15 5.39
C SER A 292 -45.95 -7.38 6.27
N LEU A 293 -44.95 -8.26 6.15
CA LEU A 293 -44.89 -9.49 6.94
C LEU A 293 -44.66 -9.05 8.36
N PRO A 294 -45.16 -9.83 9.33
CA PRO A 294 -44.90 -9.47 10.73
C PRO A 294 -43.35 -9.54 10.95
N SER A 295 -42.92 -9.25 12.17
CA SER A 295 -41.50 -9.30 12.51
C SER A 295 -41.29 -10.54 13.40
N PRO A 296 -40.04 -10.93 13.60
CA PRO A 296 -39.74 -12.08 14.45
C PRO A 296 -40.29 -11.75 15.83
N GLU A 297 -40.12 -10.52 16.24
CA GLU A 297 -40.66 -10.12 17.52
C GLU A 297 -42.17 -10.33 17.58
N GLN A 298 -42.89 -9.87 16.55
CA GLN A 298 -44.35 -9.99 16.53
C GLN A 298 -44.80 -11.44 16.54
N LEU A 299 -44.04 -12.30 15.88
CA LEU A 299 -44.39 -13.72 15.77
C LEU A 299 -43.74 -14.59 16.81
N LYS A 300 -43.05 -13.94 17.74
CA LYS A 300 -42.35 -14.65 18.79
C LYS A 300 -43.22 -15.69 19.49
N GLY A 301 -42.70 -16.90 19.70
CA GLY A 301 -43.47 -17.95 20.37
C GLY A 301 -44.53 -18.62 19.50
N LYS A 302 -44.63 -18.21 18.24
CA LYS A 302 -45.62 -18.78 17.33
C LYS A 302 -44.99 -19.77 16.36
N ILE A 303 -45.87 -20.55 15.71
CA ILE A 303 -45.47 -21.47 14.65
C ILE A 303 -46.38 -21.17 13.48
N LEU A 304 -45.82 -20.74 12.36
CA LEU A 304 -46.67 -20.51 11.20
C LEU A 304 -46.56 -21.56 10.10
N LEU A 305 -47.68 -21.85 9.45
CA LEU A 305 -47.72 -22.84 8.39
C LEU A 305 -47.44 -22.13 7.08
N LYS A 306 -46.74 -22.83 6.19
CA LYS A 306 -46.47 -22.33 4.87
C LYS A 306 -47.00 -23.41 3.95
N GLY A 307 -47.82 -23.01 2.97
CA GLY A 307 -48.40 -23.99 2.04
C GLY A 307 -49.38 -23.38 1.02
N LYS A 308 -50.06 -24.24 0.28
CA LYS A 308 -51.02 -23.78 -0.74
C LYS A 308 -52.26 -23.27 -0.04
N LYS A 309 -52.77 -22.15 -0.51
CA LYS A 309 -53.96 -21.56 0.08
C LYS A 309 -55.06 -21.48 -0.98
N LEU A 310 -56.28 -21.89 -0.61
CA LEU A 310 -57.39 -21.85 -1.57
C LEU A 310 -57.51 -20.43 -2.13
N LYS A 355 -59.63 -29.75 -3.89
CA LYS A 355 -58.31 -30.40 -3.85
C LYS A 355 -57.51 -30.02 -2.58
N LEU A 356 -58.05 -29.08 -1.79
CA LEU A 356 -57.39 -28.63 -0.56
C LEU A 356 -58.46 -28.16 0.41
N VAL A 357 -58.70 -28.91 1.48
CA VAL A 357 -59.70 -28.55 2.47
C VAL A 357 -59.49 -27.13 3.08
N PRO A 358 -60.60 -26.44 3.35
CA PRO A 358 -60.55 -25.10 3.93
C PRO A 358 -59.87 -25.13 5.29
N GLU A 359 -60.17 -26.16 6.09
CA GLU A 359 -59.61 -26.31 7.45
C GLU A 359 -58.11 -26.03 7.43
N LEU A 360 -57.44 -26.60 6.45
CA LEU A 360 -56.01 -26.39 6.27
C LEU A 360 -55.72 -25.08 5.58
N SER A 361 -56.31 -24.89 4.42
CA SER A 361 -56.03 -23.67 3.68
C SER A 361 -56.21 -22.42 4.52
N ASP A 362 -57.17 -22.49 5.45
CA ASP A 362 -57.51 -21.37 6.33
C ASP A 362 -56.40 -21.03 7.32
N MET A 363 -55.55 -22.01 7.63
CA MET A 363 -54.44 -21.81 8.57
C MET A 363 -53.20 -21.17 7.91
N ILE A 364 -53.16 -21.13 6.57
CA ILE A 364 -52.05 -20.51 5.86
C ILE A 364 -52.30 -19.02 5.90
N ILE A 365 -51.51 -18.29 6.68
CA ILE A 365 -51.71 -16.83 6.82
C ILE A 365 -50.68 -15.95 6.10
N TYR A 366 -49.42 -16.05 6.54
CA TYR A 366 -48.34 -15.21 5.99
C TYR A 366 -47.44 -15.83 4.91
N CYS A 367 -47.63 -17.12 4.63
CA CYS A 367 -46.79 -17.79 3.66
C CYS A 367 -47.57 -18.71 2.74
N LYS A 368 -48.15 -18.11 1.70
CA LYS A 368 -48.89 -18.89 0.70
C LYS A 368 -47.92 -19.32 -0.37
N SER A 369 -47.89 -20.63 -0.64
CA SER A 369 -47.00 -21.12 -1.68
C SER A 369 -47.50 -20.64 -3.04
N VAL A 370 -46.61 -20.03 -3.79
CA VAL A 370 -46.96 -19.55 -5.11
C VAL A 370 -45.89 -20.00 -6.09
N HIS A 371 -46.28 -20.11 -7.36
CA HIS A 371 -45.33 -20.48 -8.39
C HIS A 371 -44.63 -19.17 -8.70
N PHE A 372 -43.32 -19.22 -8.90
CA PHE A 372 -42.60 -17.99 -9.17
C PHE A 372 -43.19 -17.26 -10.35
N GLY A 373 -43.69 -16.06 -10.09
CA GLY A 373 -44.23 -15.24 -11.16
C GLY A 373 -43.05 -14.65 -11.94
N GLY A 374 -42.43 -13.65 -11.33
CA GLY A 374 -41.28 -12.96 -11.90
C GLY A 374 -41.05 -11.80 -10.92
N PHE A 375 -40.34 -10.76 -11.33
CA PHE A 375 -40.15 -9.63 -10.42
C PHE A 375 -40.81 -8.31 -10.92
N SER A 376 -41.61 -7.69 -10.06
CA SER A 376 -42.36 -6.47 -10.42
C SER A 376 -41.64 -5.11 -10.45
N SER A 377 -40.55 -5.04 -11.21
CA SER A 377 -39.83 -3.79 -11.37
C SER A 377 -40.49 -3.02 -12.52
N PRO A 378 -40.78 -3.72 -13.63
CA PRO A 378 -41.44 -3.10 -14.77
C PRO A 378 -42.91 -2.80 -14.45
N GLY A 379 -43.31 -3.10 -13.23
CA GLY A 379 -44.68 -2.84 -12.78
C GLY A 379 -44.62 -2.28 -11.35
N THR A 380 -45.66 -2.55 -10.58
CA THR A 380 -45.72 -2.09 -9.20
C THR A 380 -45.73 -3.29 -8.26
N SER A 381 -46.68 -4.18 -8.48
CA SER A 381 -46.81 -5.35 -7.64
C SER A 381 -46.58 -6.66 -8.40
N GLY A 382 -46.06 -7.61 -7.65
CA GLY A 382 -45.77 -8.95 -8.13
C GLY A 382 -46.33 -9.86 -7.05
N GLN A 383 -45.47 -10.50 -6.27
CA GLN A 383 -45.96 -11.35 -5.21
C GLN A 383 -46.28 -10.54 -3.98
N ALA A 384 -47.37 -10.93 -3.32
CA ALA A 384 -47.77 -10.27 -2.11
C ALA A 384 -46.69 -10.63 -1.08
N PHE A 385 -46.51 -9.75 -0.11
CA PHE A 385 -45.52 -10.01 0.91
C PHE A 385 -45.87 -11.34 1.60
N TYR A 386 -47.14 -11.73 1.55
CA TYR A 386 -47.54 -12.96 2.19
C TYR A 386 -47.49 -14.12 1.25
N GLU A 387 -46.76 -13.95 0.14
CA GLU A 387 -46.64 -15.03 -0.84
C GLU A 387 -45.19 -15.48 -0.91
N MET A 388 -44.96 -16.79 -0.79
CA MET A 388 -43.59 -17.29 -0.83
C MET A 388 -43.31 -18.23 -1.99
N ALA A 389 -42.32 -17.87 -2.79
CA ALA A 389 -41.93 -18.66 -3.93
C ALA A 389 -40.77 -19.56 -3.55
N SER A 390 -40.63 -20.68 -4.25
CA SER A 390 -39.54 -21.61 -4.00
C SER A 390 -38.74 -21.80 -5.26
N PHE A 391 -37.44 -22.01 -5.11
CA PHE A 391 -36.55 -22.19 -6.26
C PHE A 391 -35.57 -23.29 -6.01
N SER A 392 -35.36 -24.14 -6.98
CA SER A 392 -34.39 -25.17 -6.76
C SER A 392 -33.09 -24.44 -6.82
N GLU A 393 -32.06 -25.14 -6.35
CA GLU A 393 -30.71 -24.64 -6.33
C GLU A 393 -30.37 -24.11 -7.72
N SER A 394 -30.63 -24.94 -8.72
CA SER A 394 -30.38 -24.61 -10.13
C SER A 394 -31.08 -23.35 -10.65
N ARG A 395 -32.39 -23.29 -10.49
CA ARG A 395 -33.13 -22.15 -10.96
C ARG A 395 -32.62 -20.87 -10.30
N ALA A 396 -32.35 -20.96 -9.02
CA ALA A 396 -31.91 -19.80 -8.26
C ALA A 396 -30.63 -19.25 -8.83
N LEU A 397 -29.70 -20.16 -9.08
CA LEU A 397 -28.44 -19.75 -9.61
C LEU A 397 -28.69 -18.99 -10.92
N ARG A 398 -29.50 -19.58 -11.80
CA ARG A 398 -29.83 -18.95 -13.06
C ARG A 398 -30.38 -17.57 -12.81
N LEU A 399 -31.44 -17.48 -12.01
CA LEU A 399 -32.02 -16.18 -11.74
C LEU A 399 -31.00 -15.19 -11.18
N LEU A 400 -30.02 -15.69 -10.44
CA LEU A 400 -29.03 -14.80 -9.84
C LEU A 400 -28.04 -14.41 -10.90
N GLN A 401 -27.88 -15.33 -11.82
CA GLN A 401 -26.96 -15.12 -12.89
C GLN A 401 -27.49 -14.04 -13.82
N GLU A 402 -28.77 -14.10 -14.17
CA GLU A 402 -29.33 -13.14 -15.10
C GLU A 402 -30.07 -11.99 -14.50
N SER A 403 -30.65 -12.28 -13.34
CA SER A 403 -31.46 -11.31 -12.58
C SER A 403 -31.13 -11.12 -11.19
N GLY A 404 -29.87 -11.05 -10.93
CA GLY A 404 -29.27 -10.82 -9.59
C GLY A 404 -29.97 -9.65 -8.84
N ASN A 405 -29.95 -8.44 -9.40
CA ASN A 405 -30.62 -7.32 -8.72
C ASN A 405 -32.14 -7.49 -8.66
N GLY A 406 -32.71 -8.15 -9.66
CA GLY A 406 -34.14 -8.33 -9.61
C GLY A 406 -34.48 -9.16 -8.38
N PHE A 407 -33.78 -10.28 -8.27
CA PHE A 407 -33.99 -11.22 -7.17
C PHE A 407 -33.76 -10.53 -5.86
N VAL A 408 -32.65 -9.80 -5.79
CA VAL A 408 -32.31 -9.08 -4.58
C VAL A 408 -33.43 -8.19 -4.20
N ARG A 409 -33.83 -7.34 -5.12
CA ARG A 409 -34.90 -6.38 -4.86
C ARG A 409 -36.17 -7.11 -4.47
N HIS A 410 -36.39 -8.26 -5.12
CA HIS A 410 -37.58 -9.05 -4.81
C HIS A 410 -37.50 -9.45 -3.36
N ASN A 411 -36.35 -9.99 -2.99
CA ASN A 411 -36.12 -10.49 -1.66
C ASN A 411 -36.20 -9.51 -0.50
N VAL A 412 -36.40 -8.23 -0.79
CA VAL A 412 -36.46 -7.23 0.29
C VAL A 412 -37.74 -7.30 1.05
N SER A 413 -38.83 -7.52 0.35
CA SER A 413 -40.12 -7.52 1.00
C SER A 413 -40.74 -8.90 0.93
N CYS A 414 -40.10 -9.76 0.16
CA CYS A 414 -40.60 -11.10 -0.04
C CYS A 414 -39.63 -12.21 0.40
N LEU A 415 -40.18 -13.24 1.05
CA LEU A 415 -39.43 -14.40 1.51
C LEU A 415 -39.33 -15.36 0.33
N SER A 416 -38.10 -15.77 0.01
CA SER A 416 -37.82 -16.73 -1.05
C SER A 416 -37.20 -17.97 -0.41
N ARG A 417 -37.64 -19.14 -0.82
CA ARG A 417 -37.12 -20.35 -0.28
C ARG A 417 -36.36 -21.08 -1.37
N ILE A 418 -35.20 -21.59 -1.04
CA ILE A 418 -34.35 -22.30 -1.99
C ILE A 418 -34.14 -23.68 -1.45
N TYR A 419 -34.06 -24.68 -2.33
CA TYR A 419 -33.86 -26.05 -1.88
C TYR A 419 -32.86 -26.75 -2.79
N PRO A 420 -32.26 -27.81 -2.27
CA PRO A 420 -31.22 -28.57 -2.99
C PRO A 420 -31.64 -29.22 -4.31
N ALA A 421 -30.72 -29.23 -5.26
CA ALA A 421 -30.99 -29.82 -6.55
C ALA A 421 -31.38 -31.29 -6.41
N GLY A 422 -32.30 -31.70 -7.28
CA GLY A 422 -32.82 -33.05 -7.30
C GLY A 422 -31.77 -34.11 -7.32
N TRP A 423 -30.63 -33.83 -7.92
CA TRP A 423 -29.65 -34.90 -8.03
C TRP A 423 -28.94 -35.18 -6.74
N ARG A 424 -29.20 -34.36 -5.74
CA ARG A 424 -28.49 -34.59 -4.49
C ARG A 424 -29.20 -35.62 -3.61
N THR A 425 -29.40 -36.80 -4.18
CA THR A 425 -30.11 -37.88 -3.51
C THR A 425 -29.32 -38.37 -2.31
N ASP A 426 -28.09 -37.90 -2.24
CA ASP A 426 -27.19 -38.26 -1.15
C ASP A 426 -27.33 -37.28 0.01
N SER A 427 -28.25 -36.35 -0.14
CA SER A 427 -28.44 -35.37 0.89
C SER A 427 -27.27 -34.39 1.01
N SER A 428 -26.45 -34.35 -0.02
CA SER A 428 -25.33 -33.40 -0.05
C SER A 428 -25.95 -32.03 -0.03
N ASN A 429 -25.15 -30.99 0.22
CA ASN A 429 -25.66 -29.61 0.27
C ASN A 429 -24.94 -28.65 -0.65
N TYR A 430 -25.63 -27.61 -1.07
CA TYR A 430 -25.01 -26.61 -1.92
C TYR A 430 -24.48 -25.49 -1.01
N SER A 431 -23.80 -24.51 -1.58
CA SER A 431 -23.33 -23.42 -0.74
C SER A 431 -24.44 -22.42 -0.50
N PRO A 432 -24.69 -22.08 0.76
CA PRO A 432 -25.75 -21.14 1.10
C PRO A 432 -25.41 -19.71 0.74
N VAL A 433 -24.12 -19.41 0.89
CA VAL A 433 -23.59 -18.08 0.65
C VAL A 433 -24.08 -17.52 -0.66
N GLU A 434 -23.94 -18.31 -1.71
CA GLU A 434 -24.39 -17.89 -3.03
C GLU A 434 -25.83 -17.46 -3.02
N MET A 435 -26.67 -18.08 -2.18
CA MET A 435 -28.07 -17.68 -2.13
C MET A 435 -28.29 -16.46 -1.24
N TRP A 436 -27.51 -16.37 -0.17
CA TRP A 436 -27.63 -15.22 0.73
C TRP A 436 -27.20 -13.96 0.00
N ASN A 437 -26.20 -14.11 -0.85
CA ASN A 437 -25.71 -12.97 -1.62
C ASN A 437 -26.84 -12.36 -2.46
N GLY A 438 -27.93 -13.10 -2.66
CA GLY A 438 -29.05 -12.59 -3.45
C GLY A 438 -30.15 -12.19 -2.53
N GLY A 439 -29.84 -12.23 -1.24
CA GLY A 439 -30.81 -11.87 -0.23
C GLY A 439 -31.83 -12.97 0.03
N CYS A 440 -31.56 -14.18 -0.49
CA CYS A 440 -32.51 -15.28 -0.29
C CYS A 440 -32.51 -15.64 1.18
N GLN A 441 -33.70 -15.66 1.77
CA GLN A 441 -33.81 -15.94 3.18
C GLN A 441 -34.05 -17.36 3.71
N ILE A 442 -34.95 -18.09 3.10
CA ILE A 442 -35.21 -19.46 3.54
C ILE A 442 -34.41 -20.43 2.69
N VAL A 443 -33.11 -20.41 2.92
CA VAL A 443 -32.17 -21.27 2.19
C VAL A 443 -32.09 -22.60 2.89
N ALA A 444 -32.84 -23.56 2.39
CA ALA A 444 -32.95 -24.89 2.99
C ALA A 444 -31.84 -25.82 2.70
N LEU A 445 -31.24 -26.36 3.74
CA LEU A 445 -30.16 -27.31 3.58
C LEU A 445 -30.51 -28.61 4.26
N ASN A 446 -29.77 -29.65 3.94
CA ASN A 446 -29.98 -30.92 4.56
C ASN A 446 -29.20 -30.94 5.83
N PHE A 447 -29.88 -30.57 6.93
CA PHE A 447 -29.23 -30.51 8.25
C PHE A 447 -28.57 -31.79 8.70
N GLN A 448 -28.95 -32.95 8.18
CA GLN A 448 -28.29 -34.18 8.63
C GLN A 448 -26.89 -34.35 8.17
N THR A 449 -26.54 -33.67 7.09
CA THR A 449 -25.28 -33.89 6.41
C THR A 449 -24.11 -32.99 6.82
N PRO A 450 -23.08 -33.58 7.39
CA PRO A 450 -21.91 -32.81 7.76
C PRO A 450 -21.14 -32.42 6.52
N GLY A 451 -20.48 -31.25 6.58
CA GLY A 451 -19.67 -30.74 5.48
C GLY A 451 -19.50 -29.24 5.64
N PRO A 452 -18.69 -28.65 4.77
CA PRO A 452 -18.41 -27.22 4.82
C PRO A 452 -19.64 -26.37 4.70
N GLU A 453 -20.62 -26.88 3.95
CA GLU A 453 -21.83 -26.14 3.73
C GLU A 453 -22.61 -25.92 5.02
N MET A 454 -22.77 -26.98 5.80
CA MET A 454 -23.49 -26.86 7.07
C MET A 454 -22.62 -26.08 8.06
N ASP A 455 -21.31 -26.25 7.94
CA ASP A 455 -20.34 -25.51 8.76
C ASP A 455 -20.57 -24.01 8.57
N VAL A 456 -20.60 -23.58 7.33
CA VAL A 456 -20.85 -22.18 7.05
C VAL A 456 -22.24 -21.81 7.51
N TYR A 457 -23.20 -22.70 7.26
CA TYR A 457 -24.59 -22.44 7.66
C TYR A 457 -24.68 -22.15 9.15
N LEU A 458 -24.17 -23.07 9.96
CA LEU A 458 -24.28 -22.92 11.41
C LEU A 458 -23.39 -21.83 11.94
N GLY A 459 -22.34 -21.50 11.20
CA GLY A 459 -21.48 -20.42 11.59
C GLY A 459 -22.30 -19.13 11.44
N CYS A 460 -22.97 -18.98 10.30
CA CYS A 460 -23.77 -17.81 10.07
C CYS A 460 -24.80 -17.65 11.17
N PHE A 461 -25.48 -18.73 11.49
CA PHE A 461 -26.54 -18.71 12.49
C PHE A 461 -26.12 -18.80 13.93
N GLN A 462 -24.83 -18.88 14.18
CA GLN A 462 -24.38 -18.85 15.56
C GLN A 462 -24.45 -17.38 15.96
N ASP A 463 -24.54 -16.50 14.96
CA ASP A 463 -24.60 -15.05 15.15
C ASP A 463 -25.96 -14.73 15.76
N ASN A 464 -26.14 -13.50 16.24
CA ASN A 464 -27.41 -13.07 16.85
C ASN A 464 -27.95 -14.07 17.85
N GLY A 465 -27.05 -14.56 18.68
CA GLY A 465 -27.41 -15.46 19.73
C GLY A 465 -28.05 -16.72 19.25
N GLY A 466 -27.84 -17.05 17.99
CA GLY A 466 -28.37 -18.28 17.45
C GLY A 466 -29.87 -18.35 17.52
N CYS A 467 -30.53 -17.22 17.48
CA CYS A 467 -31.95 -17.29 17.55
C CYS A 467 -32.55 -17.77 16.24
N GLY A 468 -31.72 -17.85 15.19
CA GLY A 468 -32.18 -18.35 13.89
C GLY A 468 -32.65 -17.32 12.87
N TYR A 469 -32.63 -16.05 13.24
CA TYR A 469 -33.03 -15.00 12.33
C TYR A 469 -31.85 -14.03 12.36
N VAL A 470 -31.23 -13.78 11.21
CA VAL A 470 -30.09 -12.87 11.17
C VAL A 470 -30.39 -11.75 10.20
N LEU A 471 -30.41 -10.53 10.72
CA LEU A 471 -30.70 -9.32 9.93
C LEU A 471 -29.80 -9.16 8.76
N LYS A 472 -30.39 -9.01 7.58
CA LYS A 472 -29.60 -8.82 6.38
C LYS A 472 -28.92 -7.45 6.45
N PRO A 473 -27.86 -7.27 5.67
CA PRO A 473 -27.19 -5.99 5.60
C PRO A 473 -28.22 -5.02 5.06
N ALA A 474 -28.04 -3.74 5.38
CA ALA A 474 -28.96 -2.70 4.92
C ALA A 474 -29.19 -2.67 3.42
N PHE A 475 -28.13 -2.68 2.64
CA PHE A 475 -28.32 -2.64 1.21
C PHE A 475 -29.11 -3.82 0.68
N LEU A 476 -29.38 -4.81 1.51
CA LEU A 476 -30.15 -5.94 1.03
C LEU A 476 -31.55 -5.77 1.58
N ARG A 477 -31.74 -4.63 2.22
CA ARG A 477 -33.04 -4.31 2.79
C ARG A 477 -33.62 -3.01 2.16
N ASP A 478 -32.98 -2.59 1.07
CA ASP A 478 -33.38 -1.38 0.38
C ASP A 478 -34.02 -1.77 -0.94
N PRO A 479 -35.33 -1.62 -0.99
CA PRO A 479 -36.10 -1.93 -2.18
C PRO A 479 -35.53 -1.25 -3.40
N ASN A 480 -34.76 -0.19 -3.20
CA ASN A 480 -34.23 0.53 -4.34
C ASN A 480 -32.75 0.31 -4.55
N THR A 481 -32.23 -0.79 -4.04
CA THR A 481 -30.81 -1.05 -4.19
C THR A 481 -30.47 -1.37 -5.61
N THR A 482 -29.21 -1.09 -5.94
CA THR A 482 -28.65 -1.34 -7.26
C THR A 482 -27.60 -2.45 -7.12
N PHE A 483 -27.62 -3.12 -5.97
CA PHE A 483 -26.66 -4.19 -5.65
C PHE A 483 -26.83 -5.47 -6.45
N ASN A 484 -25.71 -6.07 -6.78
CA ASN A 484 -25.73 -7.34 -7.46
C ASN A 484 -24.34 -7.90 -7.21
N SER A 485 -24.25 -8.82 -6.26
CA SER A 485 -22.97 -9.40 -5.88
C SER A 485 -22.19 -9.88 -7.08
N ARG A 486 -22.89 -10.08 -8.18
CA ARG A 486 -22.30 -10.59 -9.41
C ARG A 486 -21.64 -9.49 -10.23
N ALA A 487 -22.27 -8.33 -10.22
CA ALA A 487 -21.77 -7.17 -10.94
C ALA A 487 -21.61 -6.06 -9.93
N LEU A 488 -20.47 -6.05 -9.28
CA LEU A 488 -20.21 -5.07 -8.24
C LEU A 488 -19.90 -3.66 -8.70
N THR A 489 -20.72 -2.72 -8.26
CA THR A 489 -20.52 -1.32 -8.58
C THR A 489 -20.30 -0.63 -7.25
N GLN A 490 -20.14 0.68 -7.27
CA GLN A 490 -19.97 1.38 -6.01
C GLN A 490 -21.30 1.50 -5.29
N GLY A 491 -21.23 1.34 -3.98
CA GLY A 491 -22.39 1.42 -3.13
C GLY A 491 -21.89 1.08 -1.76
N PRO A 492 -22.74 1.33 -0.76
CA PRO A 492 -22.41 1.05 0.64
C PRO A 492 -21.82 -0.35 0.87
N TRP A 493 -22.21 -1.31 0.06
CA TRP A 493 -21.72 -2.68 0.24
C TRP A 493 -20.25 -2.75 -0.06
N TRP A 494 -19.79 -1.82 -0.88
CA TRP A 494 -18.40 -1.84 -1.27
C TRP A 494 -17.53 -1.20 -0.18
N ARG A 495 -16.74 -2.01 0.52
CA ARG A 495 -15.94 -1.48 1.62
C ARG A 495 -14.76 -2.38 1.90
N PRO A 496 -13.80 -2.37 1.00
CA PRO A 496 -12.64 -3.23 1.12
C PRO A 496 -11.94 -3.17 2.47
N GLU A 497 -11.51 -4.34 2.94
CA GLU A 497 -10.80 -4.46 4.20
C GLU A 497 -9.66 -5.40 3.96
N ARG A 498 -8.61 -5.26 4.74
CA ARG A 498 -7.46 -6.13 4.61
C ARG A 498 -7.38 -7.02 5.85
N LEU A 499 -7.59 -8.32 5.67
CA LEU A 499 -7.56 -9.22 6.80
C LEU A 499 -6.26 -9.94 6.85
N ARG A 500 -5.63 -9.93 8.02
CA ARG A 500 -4.35 -10.64 8.20
C ARG A 500 -4.53 -11.63 9.32
N VAL A 501 -4.42 -12.92 9.00
CA VAL A 501 -4.61 -13.94 9.98
C VAL A 501 -3.32 -14.70 10.16
N ARG A 502 -2.87 -14.85 11.39
CA ARG A 502 -1.65 -15.59 11.60
C ARG A 502 -2.07 -16.83 12.30
N ILE A 503 -1.80 -17.96 11.68
CA ILE A 503 -2.14 -19.21 12.30
C ILE A 503 -0.91 -19.49 13.13
N ILE A 504 -0.99 -19.23 14.45
CA ILE A 504 0.17 -19.42 15.33
C ILE A 504 0.41 -20.86 15.73
N SER A 505 -0.52 -21.43 16.49
CA SER A 505 -0.35 -22.79 16.98
C SER A 505 -1.72 -23.49 17.21
N GLY A 506 -1.67 -24.81 17.46
CA GLY A 506 -2.86 -25.59 17.70
C GLY A 506 -2.66 -26.29 19.01
N GLN A 507 -3.75 -26.47 19.74
CA GLN A 507 -3.75 -27.09 21.03
C GLN A 507 -4.68 -28.26 21.03
N GLN A 508 -4.16 -29.42 21.41
CA GLN A 508 -4.96 -30.63 21.53
C GLN A 508 -5.95 -30.94 20.43
N LEU A 509 -5.44 -30.97 19.21
CA LEU A 509 -6.27 -31.30 18.08
C LEU A 509 -6.73 -32.75 18.30
N PRO A 510 -8.02 -32.98 18.14
CA PRO A 510 -8.58 -34.29 18.31
C PRO A 510 -8.03 -35.30 17.34
N LYS A 511 -7.86 -36.53 17.83
CA LYS A 511 -7.38 -37.63 17.01
C LYS A 511 -8.55 -38.11 16.18
N VAL A 512 -8.53 -37.80 14.88
CA VAL A 512 -9.61 -38.27 14.04
C VAL A 512 -9.50 -39.71 13.69
N ASN A 513 -10.04 -40.46 14.65
CA ASN A 513 -10.12 -41.91 14.64
C ASN A 513 -8.79 -42.59 14.34
N LYS A 514 -8.64 -42.95 13.07
CA LYS A 514 -7.47 -43.66 12.57
C LYS A 514 -7.56 -45.16 12.89
N ASN A 515 -8.57 -45.53 13.69
CA ASN A 515 -8.82 -46.93 14.08
C ASN A 515 -7.49 -47.59 14.51
N LYS A 516 -6.57 -46.73 15.00
CA LYS A 516 -5.24 -47.14 15.45
C LYS A 516 -4.53 -46.02 16.21
N ASN A 517 -3.37 -46.34 16.79
CA ASN A 517 -2.59 -45.36 17.53
C ASN A 517 -1.53 -44.61 16.70
N SER A 518 -1.98 -43.56 16.01
CA SER A 518 -1.08 -42.73 15.22
C SER A 518 -1.13 -41.30 15.73
N ILE A 519 -0.24 -40.46 15.20
CA ILE A 519 -0.21 -39.06 15.58
C ILE A 519 -0.55 -38.22 14.40
N VAL A 520 -1.41 -37.26 14.64
CA VAL A 520 -1.86 -36.36 13.61
C VAL A 520 -0.76 -35.54 12.93
N ASP A 521 -0.96 -35.26 11.65
CA ASP A 521 -0.01 -34.47 10.88
C ASP A 521 -0.87 -33.34 10.35
N PRO A 522 -1.17 -32.42 11.26
CA PRO A 522 -2.08 -31.32 10.98
C PRO A 522 -1.63 -30.19 10.13
N LYS A 523 -2.59 -29.62 9.41
CA LYS A 523 -2.38 -28.42 8.62
C LYS A 523 -3.68 -27.61 8.77
N VAL A 524 -3.60 -26.32 8.49
CA VAL A 524 -4.77 -25.46 8.62
C VAL A 524 -5.11 -24.76 7.32
N ILE A 525 -6.39 -24.70 7.01
CA ILE A 525 -6.82 -24.05 5.81
C ILE A 525 -7.63 -22.87 6.27
N VAL A 526 -7.47 -21.73 5.61
CA VAL A 526 -8.25 -20.57 6.00
C VAL A 526 -8.97 -20.17 4.76
N GLU A 527 -10.28 -19.95 4.85
CA GLU A 527 -11.07 -19.64 3.67
C GLU A 527 -11.89 -18.43 3.86
N ILE A 528 -12.15 -17.72 2.77
CA ILE A 528 -13.04 -16.58 2.82
C ILE A 528 -14.24 -16.97 1.97
N HIS A 529 -15.44 -16.83 2.54
CA HIS A 529 -16.65 -17.14 1.81
C HIS A 529 -17.41 -15.82 1.75
N GLY A 530 -17.98 -15.50 0.60
CA GLY A 530 -18.73 -14.27 0.46
C GLY A 530 -18.97 -14.09 -1.04
N VAL A 531 -19.07 -12.85 -1.51
CA VAL A 531 -19.27 -12.56 -2.93
C VAL A 531 -18.12 -13.25 -3.68
N GLY A 532 -18.40 -13.71 -4.88
CA GLY A 532 -17.41 -14.47 -5.64
C GLY A 532 -16.06 -13.81 -5.72
N ARG A 533 -16.08 -12.51 -5.83
CA ARG A 533 -14.86 -11.74 -5.95
C ARG A 533 -13.96 -11.94 -4.73
N ASP A 534 -14.58 -12.13 -3.56
CA ASP A 534 -13.83 -12.29 -2.31
C ASP A 534 -13.44 -13.70 -1.93
N THR A 535 -14.10 -14.71 -2.48
CA THR A 535 -13.79 -16.06 -2.06
C THR A 535 -12.32 -16.40 -2.27
N GLY A 536 -11.69 -16.98 -1.26
CA GLY A 536 -10.27 -17.34 -1.33
C GLY A 536 -10.03 -18.44 -0.30
N SER A 537 -8.90 -19.12 -0.39
CA SER A 537 -8.54 -20.16 0.54
C SER A 537 -7.02 -20.18 0.60
N ARG A 538 -6.44 -20.53 1.74
CA ARG A 538 -4.99 -20.60 1.86
C ARG A 538 -4.74 -21.70 2.83
N GLN A 539 -3.59 -22.33 2.74
CA GLN A 539 -3.32 -23.39 3.70
C GLN A 539 -1.93 -23.33 4.21
N THR A 540 -1.75 -23.86 5.42
CA THR A 540 -0.44 -23.89 6.04
C THR A 540 0.27 -25.15 5.65
N ALA A 541 1.49 -25.26 6.15
CA ALA A 541 2.29 -26.43 5.95
C ALA A 541 1.75 -27.45 6.90
N VAL A 542 2.28 -28.65 6.77
CA VAL A 542 1.87 -29.76 7.62
C VAL A 542 2.92 -29.95 8.69
N ILE A 543 2.48 -30.12 9.93
CA ILE A 543 3.38 -30.39 11.03
C ILE A 543 3.24 -31.89 11.20
N THR A 544 4.34 -32.60 11.15
CA THR A 544 4.18 -34.02 11.23
C THR A 544 4.16 -34.58 12.64
N ASN A 545 3.26 -35.52 12.89
CA ASN A 545 3.18 -36.15 14.19
C ASN A 545 3.03 -35.20 15.35
N ASN A 546 2.09 -34.28 15.27
CA ASN A 546 1.83 -33.41 16.40
C ASN A 546 0.46 -32.82 16.34
N GLY A 547 -0.33 -33.16 17.34
CA GLY A 547 -1.68 -32.64 17.45
C GLY A 547 -1.79 -31.96 18.80
N PHE A 548 -0.83 -32.24 19.67
CA PHE A 548 -0.88 -31.69 20.99
C PHE A 548 -0.54 -30.24 21.00
N ASN A 549 0.35 -29.87 20.09
CA ASN A 549 0.75 -28.49 20.07
C ASN A 549 1.57 -28.09 18.87
N PRO A 550 1.08 -28.45 17.71
CA PRO A 550 1.76 -28.04 16.47
C PRO A 550 1.90 -26.52 16.49
N ARG A 551 2.93 -26.01 15.85
CA ARG A 551 3.15 -24.56 15.74
C ARG A 551 3.41 -24.27 14.29
N TRP A 552 2.67 -23.33 13.69
CA TRP A 552 2.88 -23.09 12.27
C TRP A 552 3.46 -21.73 12.12
N ASP A 553 2.89 -20.79 12.85
CA ASP A 553 3.32 -19.41 12.78
C ASP A 553 3.31 -18.93 11.36
N MET A 554 2.18 -19.12 10.69
CA MET A 554 2.07 -18.70 9.31
C MET A 554 1.00 -17.66 9.17
N GLU A 555 1.22 -16.68 8.31
CA GLU A 555 0.23 -15.63 8.15
C GLU A 555 -0.30 -15.51 6.75
N PHE A 556 -1.57 -15.17 6.62
CA PHE A 556 -2.20 -15.04 5.33
C PHE A 556 -2.84 -13.70 5.31
N GLU A 557 -3.06 -13.17 4.12
CA GLU A 557 -3.72 -11.90 4.01
C GLU A 557 -4.73 -12.03 2.92
N PHE A 558 -5.88 -11.42 3.13
CA PHE A 558 -6.93 -11.47 2.15
C PHE A 558 -7.51 -10.11 2.01
N GLU A 559 -8.04 -9.81 0.83
CA GLU A 559 -8.70 -8.55 0.60
C GLU A 559 -10.13 -8.91 0.43
N VAL A 560 -10.99 -8.22 1.15
CA VAL A 560 -12.39 -8.52 1.15
C VAL A 560 -13.07 -7.22 0.84
N THR A 561 -13.82 -7.20 -0.26
CA THR A 561 -14.49 -6.00 -0.72
C THR A 561 -15.91 -5.84 -0.20
N VAL A 562 -16.53 -6.94 0.15
CA VAL A 562 -17.91 -6.90 0.66
C VAL A 562 -18.01 -7.73 1.96
N PRO A 563 -17.21 -7.30 2.94
CA PRO A 563 -17.14 -7.98 4.23
C PRO A 563 -18.49 -8.26 4.85
N ASP A 564 -19.48 -7.43 4.57
CA ASP A 564 -20.80 -7.61 5.12
C ASP A 564 -21.43 -8.93 4.71
N LEU A 565 -20.88 -9.58 3.70
CA LEU A 565 -21.43 -10.84 3.22
C LEU A 565 -20.43 -11.96 3.39
N ALA A 566 -19.30 -11.65 4.00
CA ALA A 566 -18.23 -12.65 4.18
C ALA A 566 -18.23 -13.44 5.48
N LEU A 567 -17.52 -14.57 5.45
CA LEU A 567 -17.34 -15.44 6.62
C LEU A 567 -15.95 -16.00 6.48
N VAL A 568 -15.29 -16.15 7.60
CA VAL A 568 -13.93 -16.67 7.60
C VAL A 568 -13.97 -18.03 8.24
N ARG A 569 -13.42 -19.01 7.55
CA ARG A 569 -13.48 -20.35 8.04
C ARG A 569 -12.13 -20.92 8.22
N PHE A 570 -11.93 -21.56 9.37
CA PHE A 570 -10.69 -22.22 9.72
C PHE A 570 -10.95 -23.69 9.69
N MET A 571 -10.16 -24.45 8.94
CA MET A 571 -10.35 -25.88 8.90
C MET A 571 -9.06 -26.60 9.14
N VAL A 572 -9.08 -27.59 10.02
CA VAL A 572 -7.89 -28.37 10.31
C VAL A 572 -8.01 -29.81 9.78
N GLU A 573 -7.08 -30.20 8.92
CA GLU A 573 -7.08 -31.53 8.33
C GLU A 573 -5.91 -32.33 8.79
N ASP A 574 -6.04 -33.64 8.71
CA ASP A 574 -4.93 -34.54 9.04
C ASP A 574 -4.36 -34.97 7.73
N TYR A 575 -3.20 -34.44 7.40
CA TYR A 575 -2.63 -34.73 6.12
C TYR A 575 -2.37 -36.17 5.82
N ASP A 576 -3.03 -36.67 4.78
CA ASP A 576 -2.76 -38.02 4.33
C ASP A 576 -2.11 -38.01 2.95
N SER A 577 -0.89 -38.54 2.94
CA SER A 577 -0.06 -38.64 1.75
C SER A 577 -0.76 -39.48 0.70
N SER A 578 -1.08 -40.71 1.09
CA SER A 578 -1.73 -41.73 0.27
C SER A 578 -3.23 -41.50 0.04
N SER A 579 -3.94 -41.14 1.11
CA SER A 579 -5.37 -40.91 1.04
C SER A 579 -5.76 -39.44 1.08
N LYS A 580 -7.07 -39.24 1.22
CA LYS A 580 -7.63 -37.91 1.34
C LYS A 580 -7.46 -37.59 2.82
N ASN A 581 -7.06 -36.35 3.08
CA ASN A 581 -6.82 -35.89 4.43
C ASN A 581 -8.08 -35.86 5.29
N ASP A 582 -7.99 -36.46 6.46
CA ASP A 582 -9.08 -36.45 7.40
C ASP A 582 -9.34 -35.03 7.97
N PHE A 583 -10.59 -34.75 8.25
CA PHE A 583 -11.01 -33.48 8.80
C PHE A 583 -10.83 -33.67 10.27
N ILE A 584 -10.21 -32.69 10.92
CA ILE A 584 -9.98 -32.76 12.35
C ILE A 584 -10.93 -31.84 13.10
N GLY A 585 -11.11 -30.62 12.60
CA GLY A 585 -11.99 -29.68 13.27
C GLY A 585 -12.18 -28.47 12.41
N GLN A 586 -13.12 -27.62 12.77
CA GLN A 586 -13.43 -26.47 11.95
C GLN A 586 -14.14 -25.39 12.78
N SER A 587 -14.18 -24.16 12.26
CA SER A 587 -14.88 -23.05 12.88
C SER A 587 -15.12 -22.02 11.80
N THR A 588 -16.36 -21.54 11.70
CA THR A 588 -16.71 -20.53 10.72
C THR A 588 -17.24 -19.33 11.45
N ILE A 589 -16.65 -18.18 11.17
CA ILE A 589 -17.01 -16.94 11.83
C ILE A 589 -17.47 -15.86 10.84
N PRO A 590 -18.69 -15.35 11.01
CA PRO A 590 -19.21 -14.27 10.18
C PRO A 590 -18.27 -13.05 10.36
N TRP A 591 -17.97 -12.36 9.27
CA TRP A 591 -17.05 -11.23 9.28
C TRP A 591 -17.16 -10.27 10.45
N ASN A 592 -18.35 -9.75 10.65
CA ASN A 592 -18.57 -8.81 11.74
C ASN A 592 -18.54 -9.40 13.15
N SER A 593 -18.28 -10.71 13.28
CA SER A 593 -18.21 -11.29 14.61
C SER A 593 -16.78 -11.71 14.86
N LEU A 594 -15.94 -11.47 13.87
CA LEU A 594 -14.54 -11.84 13.97
C LEU A 594 -13.82 -10.87 14.90
N LYS A 595 -13.30 -11.38 16.03
CA LYS A 595 -12.59 -10.55 17.00
C LYS A 595 -11.13 -10.43 16.62
N GLN A 596 -10.52 -9.27 16.88
CA GLN A 596 -9.11 -9.06 16.54
C GLN A 596 -8.15 -9.29 17.67
N GLY A 597 -6.89 -9.37 17.32
CA GLY A 597 -5.85 -9.57 18.29
C GLY A 597 -5.54 -11.03 18.44
N TYR A 598 -5.04 -11.40 19.61
CA TYR A 598 -4.74 -12.78 19.91
C TYR A 598 -6.03 -13.43 20.37
N ARG A 599 -6.39 -14.54 19.74
CA ARG A 599 -7.60 -15.24 20.12
C ARG A 599 -7.41 -16.69 19.87
N HIS A 600 -8.36 -17.47 20.37
CA HIS A 600 -8.37 -18.91 20.12
C HIS A 600 -9.60 -19.24 19.31
N VAL A 601 -9.43 -20.11 18.32
CA VAL A 601 -10.55 -20.55 17.51
C VAL A 601 -10.93 -21.89 18.13
N HIS A 602 -12.15 -21.99 18.63
CA HIS A 602 -12.61 -23.23 19.23
C HIS A 602 -13.17 -24.16 18.17
N LEU A 603 -12.45 -25.21 17.90
CA LEU A 603 -12.83 -26.16 16.85
C LEU A 603 -14.04 -27.02 17.13
N LEU A 604 -14.81 -27.25 16.08
CA LEU A 604 -15.98 -28.10 16.16
C LEU A 604 -15.76 -29.39 15.34
N SER A 605 -16.47 -30.44 15.72
CA SER A 605 -16.43 -31.73 15.02
C SER A 605 -17.29 -31.56 13.76
N LYS A 606 -17.29 -32.56 12.90
CA LYS A 606 -18.08 -32.46 11.69
C LYS A 606 -19.57 -32.39 11.95
N ASN A 607 -19.99 -32.79 13.14
CA ASN A 607 -21.41 -32.73 13.49
C ASN A 607 -21.82 -31.48 14.19
N GLY A 608 -20.93 -30.49 14.21
CA GLY A 608 -21.21 -29.21 14.84
C GLY A 608 -20.90 -29.19 16.32
N ASP A 609 -20.52 -30.32 16.86
CA ASP A 609 -20.24 -30.41 18.28
C ASP A 609 -18.99 -29.69 18.69
N GLN A 610 -19.06 -29.06 19.84
CA GLN A 610 -17.96 -28.33 20.38
C GLN A 610 -16.88 -29.28 20.85
N HIS A 611 -15.65 -29.01 20.47
CA HIS A 611 -14.57 -29.86 20.89
C HIS A 611 -13.95 -29.17 22.06
N PRO A 612 -14.27 -29.68 23.23
CA PRO A 612 -13.82 -29.15 24.51
C PRO A 612 -12.49 -28.37 24.60
N SER A 613 -11.39 -29.02 24.23
CA SER A 613 -10.11 -28.36 24.34
C SER A 613 -9.32 -28.25 23.05
N ALA A 614 -9.99 -28.44 21.92
CA ALA A 614 -9.30 -28.35 20.66
C ALA A 614 -9.40 -26.91 20.22
N THR A 615 -8.24 -26.27 20.07
CA THR A 615 -8.23 -24.86 19.65
C THR A 615 -7.11 -24.52 18.69
N LEU A 616 -7.25 -23.38 18.06
CA LEU A 616 -6.21 -22.83 17.24
C LEU A 616 -5.99 -21.47 17.90
N PHE A 617 -4.72 -21.09 18.00
CA PHE A 617 -4.37 -19.81 18.60
C PHE A 617 -3.97 -18.93 17.44
N VAL A 618 -4.65 -17.82 17.26
CA VAL A 618 -4.35 -16.99 16.11
C VAL A 618 -4.26 -15.51 16.49
N LYS A 619 -3.82 -14.68 15.53
CA LYS A 619 -3.77 -13.25 15.69
C LYS A 619 -4.47 -12.69 14.47
N ILE A 620 -5.56 -11.99 14.69
CA ILE A 620 -6.34 -11.44 13.61
C ILE A 620 -6.25 -9.92 13.56
N SER A 621 -6.17 -9.38 12.36
CA SER A 621 -6.13 -7.96 12.21
C SER A 621 -6.90 -7.59 10.96
N ILE A 622 -7.82 -6.64 11.12
CA ILE A 622 -8.62 -6.15 10.01
C ILE A 622 -8.36 -4.65 9.89
N GLN A 623 -7.91 -4.19 8.72
CA GLN A 623 -7.65 -2.77 8.52
C GLN A 623 -8.27 -2.28 7.23
N ASP A 624 -8.85 -1.07 7.27
CA ASP A 624 -9.39 -0.43 6.05
C ASP A 624 -8.28 0.47 5.53
N ASN B 26 70.47 27.98 0.55
CA ASN B 26 69.22 28.70 0.87
C ASN B 26 68.71 29.62 -0.27
N LYS B 27 68.81 29.10 -1.50
CA LYS B 27 68.37 29.81 -2.69
C LYS B 27 67.77 28.71 -3.56
N MET B 28 66.92 29.06 -4.53
CA MET B 28 66.35 27.99 -5.34
C MET B 28 66.80 28.02 -6.79
N ASN B 29 67.02 26.84 -7.35
CA ASN B 29 67.40 26.71 -8.74
C ASN B 29 66.19 26.17 -9.48
N PHE B 30 66.20 26.23 -10.80
CA PHE B 30 65.05 25.82 -11.60
C PHE B 30 64.40 24.50 -11.20
N LYS B 31 65.22 23.45 -11.04
CA LYS B 31 64.71 22.12 -10.69
C LYS B 31 64.12 22.09 -9.28
N GLU B 32 64.85 22.69 -8.33
CA GLU B 32 64.39 22.78 -6.96
C GLU B 32 63.04 23.46 -7.07
N LEU B 33 62.97 24.37 -8.03
CA LEU B 33 61.77 25.14 -8.27
C LEU B 33 60.70 24.22 -8.82
N LYS B 34 60.98 23.63 -9.98
CA LYS B 34 60.05 22.72 -10.66
C LYS B 34 59.51 21.68 -9.67
N ASP B 35 60.26 21.48 -8.59
CA ASP B 35 59.86 20.57 -7.52
C ASP B 35 58.81 21.24 -6.69
N PHE B 36 59.25 22.26 -5.95
CA PHE B 36 58.40 23.06 -5.07
C PHE B 36 57.01 23.37 -5.66
N LEU B 37 56.97 23.62 -6.96
CA LEU B 37 55.70 23.88 -7.62
C LEU B 37 54.83 22.65 -7.39
N LYS B 38 55.17 21.55 -8.04
CA LYS B 38 54.48 20.26 -7.90
C LYS B 38 54.10 19.93 -6.44
N GLU B 39 54.92 20.40 -5.51
CA GLU B 39 54.68 20.25 -4.07
C GLU B 39 53.24 20.72 -3.82
N LEU B 40 53.03 22.03 -3.95
CA LEU B 40 51.70 22.63 -3.82
C LEU B 40 51.11 22.30 -5.18
N ASN B 41 50.12 21.40 -5.22
CA ASN B 41 49.49 20.92 -6.47
C ASN B 41 49.38 21.96 -7.60
N ILE B 42 50.52 22.21 -8.25
CA ILE B 42 50.62 23.25 -9.29
C ILE B 42 51.13 22.79 -10.66
N GLN B 43 50.18 22.45 -11.54
CA GLN B 43 50.50 22.06 -12.91
C GLN B 43 50.79 23.37 -13.65
N VAL B 44 52.06 23.75 -13.69
CA VAL B 44 52.44 24.98 -14.36
C VAL B 44 53.47 24.70 -15.44
N ASP B 45 53.22 25.24 -16.64
CA ASP B 45 54.10 25.08 -17.77
C ASP B 45 55.52 25.40 -17.37
N ASP B 46 56.39 24.43 -17.55
CA ASP B 46 57.78 24.61 -17.19
C ASP B 46 58.37 25.85 -17.84
N GLY B 47 57.98 26.12 -19.07
CA GLY B 47 58.49 27.28 -19.75
C GLY B 47 58.07 28.55 -19.01
N TYR B 48 56.79 28.61 -18.67
CA TYR B 48 56.29 29.75 -17.96
C TYR B 48 57.07 29.84 -16.67
N ALA B 49 57.11 28.75 -15.92
CA ALA B 49 57.84 28.77 -14.66
C ALA B 49 59.29 29.23 -14.83
N ARG B 50 59.84 28.98 -16.01
CA ARG B 50 61.23 29.36 -16.27
C ARG B 50 61.30 30.86 -16.44
N LYS B 51 60.50 31.37 -17.37
CA LYS B 51 60.46 32.78 -17.65
C LYS B 51 60.30 33.60 -16.36
N ILE B 52 59.29 33.26 -15.57
CA ILE B 52 59.00 33.92 -14.30
C ILE B 52 60.20 33.83 -13.37
N PHE B 53 60.80 32.65 -13.36
CA PHE B 53 61.93 32.41 -12.51
C PHE B 53 63.08 33.35 -12.89
N ARG B 54 63.37 33.42 -14.18
CA ARG B 54 64.41 34.31 -14.64
C ARG B 54 64.13 35.76 -14.24
N GLU B 55 62.92 36.24 -14.54
CA GLU B 55 62.50 37.60 -14.21
C GLU B 55 62.76 37.94 -12.76
N CYS B 56 62.85 36.93 -11.92
CA CYS B 56 63.02 37.20 -10.52
C CYS B 56 64.43 37.21 -10.03
N ASP B 57 65.34 36.65 -10.81
CA ASP B 57 66.73 36.55 -10.41
C ASP B 57 67.59 37.73 -10.79
N HIS B 58 67.84 38.62 -9.85
CA HIS B 58 68.67 39.80 -10.13
C HIS B 58 70.11 39.43 -10.48
N SER B 59 70.71 38.58 -9.65
CA SER B 59 72.09 38.11 -9.77
C SER B 59 72.44 37.48 -11.09
N GLN B 60 71.45 36.94 -11.79
CA GLN B 60 71.68 36.28 -13.07
C GLN B 60 72.43 34.97 -12.85
N THR B 61 72.52 34.57 -11.58
CA THR B 61 73.19 33.34 -11.19
C THR B 61 72.33 32.11 -11.42
N ASP B 62 71.06 32.30 -11.70
CA ASP B 62 70.14 31.19 -11.90
C ASP B 62 69.78 30.53 -10.58
N SER B 63 69.65 31.34 -9.55
CA SER B 63 69.24 30.84 -8.26
C SER B 63 68.49 31.97 -7.55
N LEU B 64 67.49 31.61 -6.76
CA LEU B 64 66.68 32.60 -6.09
C LEU B 64 66.96 32.84 -4.64
N GLU B 65 67.32 34.08 -4.34
CA GLU B 65 67.57 34.48 -2.97
C GLU B 65 66.18 34.71 -2.46
N ASP B 66 66.09 34.99 -1.18
CA ASP B 66 64.81 35.17 -0.50
C ASP B 66 63.66 35.98 -1.09
N GLU B 67 63.82 37.31 -1.12
CA GLU B 67 62.79 38.19 -1.67
C GLU B 67 62.35 37.67 -3.04
N GLU B 68 63.33 37.35 -3.88
CA GLU B 68 63.07 36.83 -5.20
C GLU B 68 62.13 35.63 -5.17
N ILE B 69 62.16 34.86 -4.08
CA ILE B 69 61.26 33.72 -3.99
C ILE B 69 59.83 34.18 -3.75
N GLU B 70 59.64 35.04 -2.76
CA GLU B 70 58.32 35.57 -2.48
C GLU B 70 57.80 36.21 -3.75
N THR B 71 58.67 36.97 -4.40
CA THR B 71 58.31 37.65 -5.62
C THR B 71 57.96 36.64 -6.69
N PHE B 72 58.67 35.53 -6.68
CA PHE B 72 58.39 34.53 -7.70
C PHE B 72 56.99 33.97 -7.49
N TYR B 73 56.74 33.55 -6.25
CA TYR B 73 55.47 32.95 -5.87
C TYR B 73 54.28 33.86 -6.13
N LYS B 74 54.48 35.15 -5.87
CA LYS B 74 53.45 36.14 -6.07
C LYS B 74 53.15 36.31 -7.57
N MET B 75 54.19 36.43 -8.38
CA MET B 75 54.00 36.60 -9.82
C MET B 75 53.22 35.40 -10.32
N LEU B 76 53.48 34.29 -9.67
CA LEU B 76 52.87 33.04 -10.05
C LEU B 76 51.46 32.81 -9.50
N THR B 77 51.07 33.50 -8.45
CA THR B 77 49.74 33.23 -7.93
C THR B 77 48.81 34.41 -7.97
N GLN B 78 49.30 35.55 -8.38
CA GLN B 78 48.43 36.71 -8.38
C GLN B 78 47.31 36.61 -9.37
N ARG B 79 46.14 37.05 -8.93
CA ARG B 79 44.98 37.08 -9.77
C ARG B 79 44.60 38.53 -9.93
N ALA B 80 45.05 39.05 -11.04
CA ALA B 80 44.80 40.43 -11.36
C ALA B 80 43.35 40.80 -11.25
N GLU B 81 42.51 40.03 -11.92
CA GLU B 81 41.08 40.28 -11.95
C GLU B 81 40.60 40.41 -10.56
N ILE B 82 41.22 39.66 -9.65
CA ILE B 82 40.83 39.73 -8.25
C ILE B 82 41.33 41.04 -7.64
N ASP B 83 42.56 41.40 -7.98
CA ASP B 83 43.14 42.63 -7.50
C ASP B 83 42.26 43.78 -7.90
N ARG B 84 41.98 43.90 -9.19
CA ARG B 84 41.13 44.97 -9.65
C ARG B 84 39.80 44.99 -8.94
N ALA B 85 39.15 43.85 -8.85
CA ALA B 85 37.85 43.80 -8.19
C ALA B 85 37.93 44.35 -6.79
N PHE B 86 39.03 44.08 -6.11
CA PHE B 86 39.19 44.58 -4.75
C PHE B 86 39.40 46.09 -4.75
N GLU B 87 40.31 46.58 -5.59
CA GLU B 87 40.60 48.00 -5.75
C GLU B 87 39.28 48.73 -5.92
N GLU B 88 38.49 48.33 -6.91
CA GLU B 88 37.20 48.98 -7.16
C GLU B 88 36.35 49.03 -5.90
N ALA B 89 36.29 47.91 -5.21
CA ALA B 89 35.48 47.84 -4.03
C ALA B 89 36.02 48.65 -2.89
N ALA B 90 37.32 48.54 -2.64
CA ALA B 90 37.92 49.21 -1.49
C ALA B 90 38.40 50.62 -1.73
N GLY B 91 38.57 50.94 -3.01
CA GLY B 91 39.05 52.26 -3.43
C GLY B 91 40.50 52.46 -3.00
N SER B 92 40.75 53.62 -2.41
CA SER B 92 42.08 54.01 -1.93
C SER B 92 42.65 53.03 -0.90
N ALA B 93 41.86 52.76 0.13
CA ALA B 93 42.28 51.89 1.20
C ALA B 93 42.82 50.54 0.79
N GLU B 94 43.51 49.95 1.75
CA GLU B 94 44.14 48.64 1.63
C GLU B 94 43.19 47.66 2.28
N THR B 95 42.03 48.14 2.74
CA THR B 95 41.10 47.29 3.42
C THR B 95 39.69 47.64 3.01
N LEU B 96 38.72 46.74 3.30
CA LEU B 96 37.34 47.01 3.00
C LEU B 96 36.66 47.24 4.32
N SER B 97 36.01 48.38 4.46
CA SER B 97 35.30 48.67 5.70
C SER B 97 33.95 48.07 5.49
N VAL B 98 33.28 47.80 6.59
CA VAL B 98 31.96 47.24 6.55
C VAL B 98 31.05 47.98 5.61
N GLU B 99 31.26 49.27 5.49
CA GLU B 99 30.39 50.07 4.63
C GLU B 99 30.80 49.92 3.17
N ARG B 100 32.11 49.73 2.98
CA ARG B 100 32.67 49.59 1.64
C ARG B 100 32.32 48.19 1.15
N LEU B 101 32.12 47.28 2.08
CA LEU B 101 31.75 45.91 1.72
C LEU B 101 30.29 45.85 1.37
N VAL B 102 29.48 46.51 2.18
CA VAL B 102 28.04 46.53 1.96
C VAL B 102 27.75 47.07 0.59
N THR B 103 28.39 48.16 0.24
CA THR B 103 28.17 48.74 -1.07
C THR B 103 28.52 47.77 -2.20
N PHE B 104 29.53 46.93 -1.94
CA PHE B 104 29.97 45.93 -2.91
C PHE B 104 28.88 44.86 -3.05
N LEU B 105 28.49 44.35 -1.89
CA LEU B 105 27.44 43.36 -1.78
C LEU B 105 26.21 43.85 -2.48
N GLN B 106 25.90 45.12 -2.34
CA GLN B 106 24.70 45.58 -2.99
C GLN B 106 24.91 45.87 -4.44
N HIS B 107 25.85 46.73 -4.71
CA HIS B 107 26.07 47.16 -6.07
C HIS B 107 26.59 46.09 -7.01
N GLN B 108 27.55 45.33 -6.49
CA GLN B 108 28.21 44.30 -7.28
C GLN B 108 27.53 42.94 -7.16
N GLN B 109 27.47 42.43 -5.95
CA GLN B 109 26.87 41.15 -5.74
C GLN B 109 25.38 41.17 -5.77
N ARG B 110 24.80 42.36 -5.81
CA ARG B 110 23.35 42.48 -5.84
C ARG B 110 22.61 41.71 -4.76
N GLU B 111 23.17 41.65 -3.56
CA GLU B 111 22.50 40.94 -2.52
C GLU B 111 21.31 41.76 -2.07
N GLU B 112 20.18 41.07 -1.87
CA GLU B 112 18.96 41.73 -1.44
C GLU B 112 19.11 42.02 0.05
N GLU B 113 19.61 41.02 0.77
CA GLU B 113 19.84 41.13 2.19
C GLU B 113 21.09 41.95 2.45
N ALA B 114 21.47 42.75 1.46
CA ALA B 114 22.65 43.57 1.60
C ALA B 114 22.50 44.44 2.85
N GLY B 115 23.60 44.58 3.59
CA GLY B 115 23.60 45.33 4.82
C GLY B 115 24.71 44.87 5.72
N PRO B 116 25.01 45.69 6.71
CA PRO B 116 26.08 45.44 7.64
C PRO B 116 26.02 44.03 8.22
N ALA B 117 24.83 43.51 8.47
CA ALA B 117 24.70 42.18 9.06
C ALA B 117 25.45 41.16 8.22
N LEU B 118 25.22 41.23 6.91
CA LEU B 118 25.87 40.35 5.95
C LEU B 118 27.35 40.62 5.94
N ALA B 119 27.70 41.86 5.62
CA ALA B 119 29.10 42.29 5.52
C ALA B 119 29.92 41.81 6.70
N LEU B 120 29.30 41.87 7.86
CA LEU B 120 29.99 41.49 9.06
C LEU B 120 30.16 40.00 9.20
N SER B 121 29.13 39.26 8.81
CA SER B 121 29.21 37.80 8.93
C SER B 121 30.25 37.32 7.95
N LEU B 122 30.29 37.95 6.78
CA LEU B 122 31.27 37.54 5.79
C LEU B 122 32.65 37.70 6.39
N ILE B 123 32.90 38.89 6.94
CA ILE B 123 34.19 39.20 7.56
C ILE B 123 34.50 38.24 8.70
N GLU B 124 33.52 38.04 9.56
CA GLU B 124 33.72 37.12 10.66
C GLU B 124 34.09 35.77 10.12
N ARG B 125 33.27 35.28 9.20
CA ARG B 125 33.44 33.99 8.54
C ARG B 125 34.70 33.82 7.69
N TYR B 126 35.04 34.84 6.90
CA TYR B 126 36.17 34.68 5.98
C TYR B 126 37.48 35.45 6.16
N GLU B 127 37.46 36.54 6.93
CA GLU B 127 38.66 37.34 7.12
C GLU B 127 39.78 36.62 7.87
N PRO B 128 40.93 36.46 7.21
CA PRO B 128 42.07 35.79 7.82
C PRO B 128 42.81 36.68 8.86
N SER B 129 42.89 37.99 8.61
CA SER B 129 43.59 38.90 9.54
C SER B 129 42.81 39.06 10.83
N GLU B 130 43.33 38.41 11.88
CA GLU B 130 42.73 38.43 13.21
C GLU B 130 42.41 39.85 13.60
N THR B 131 43.31 40.72 13.19
CA THR B 131 43.22 42.14 13.47
C THR B 131 42.14 42.86 12.71
N ALA B 132 42.26 42.85 11.38
CA ALA B 132 41.32 43.51 10.49
C ALA B 132 39.96 43.02 10.87
N LYS B 133 39.93 41.73 11.19
CA LYS B 133 38.72 41.06 11.63
C LYS B 133 38.15 41.85 12.77
N ALA B 134 38.90 41.84 13.87
CA ALA B 134 38.53 42.55 15.08
C ALA B 134 38.11 44.00 14.75
N GLN B 135 38.79 44.58 13.77
CA GLN B 135 38.46 45.93 13.39
C GLN B 135 37.40 46.09 12.32
N ARG B 136 36.53 45.09 12.16
CA ARG B 136 35.45 45.16 11.19
C ARG B 136 35.91 45.64 9.79
N GLN B 137 36.93 44.95 9.27
CA GLN B 137 37.49 45.21 7.93
C GLN B 137 37.90 43.92 7.20
N MET B 138 37.87 43.95 5.86
CA MET B 138 38.24 42.78 5.08
C MET B 138 39.42 43.06 4.18
N THR B 139 40.37 42.14 4.19
CA THR B 139 41.56 42.28 3.36
C THR B 139 41.37 41.62 2.01
N LYS B 140 42.33 41.79 1.12
CA LYS B 140 42.21 41.17 -0.18
C LYS B 140 42.13 39.68 0.03
N ASP B 141 42.84 39.19 1.02
CA ASP B 141 42.82 37.75 1.28
C ASP B 141 41.42 37.31 1.70
N GLY B 142 40.83 38.03 2.63
CA GLY B 142 39.49 37.67 3.08
C GLY B 142 38.52 37.87 1.92
N PHE B 143 38.82 38.85 1.06
CA PHE B 143 37.96 39.13 -0.08
C PHE B 143 37.94 37.88 -0.96
N LEU B 144 39.12 37.31 -1.18
CA LEU B 144 39.25 36.11 -2.01
C LEU B 144 38.62 34.90 -1.34
N MET B 145 38.82 34.81 -0.04
CA MET B 145 38.25 33.74 0.79
C MET B 145 36.73 33.72 0.58
N TYR B 146 36.13 34.89 0.72
CA TYR B 146 34.69 35.02 0.56
C TYR B 146 34.31 34.54 -0.82
N LEU B 147 35.00 35.06 -1.84
CA LEU B 147 34.73 34.74 -3.24
C LEU B 147 34.92 33.28 -3.62
N LEU B 148 35.75 32.55 -2.88
CA LEU B 148 35.99 31.14 -3.15
C LEU B 148 35.16 30.27 -2.24
N SER B 149 34.35 30.89 -1.38
CA SER B 149 33.51 30.18 -0.41
C SER B 149 32.12 29.78 -0.91
N ALA B 150 31.36 29.17 -0.01
CA ALA B 150 30.00 28.80 -0.32
C ALA B 150 29.20 30.06 -0.60
N ASP B 151 29.66 31.17 -0.04
CA ASP B 151 28.96 32.44 -0.20
C ASP B 151 29.33 33.08 -1.51
N GLY B 152 30.53 32.75 -2.01
CA GLY B 152 31.01 33.30 -3.29
C GLY B 152 30.53 32.48 -4.48
N ASN B 153 30.03 31.28 -4.17
CA ASN B 153 29.52 30.33 -5.15
C ASN B 153 28.47 30.87 -6.09
N ALA B 154 28.65 30.66 -7.39
CA ALA B 154 27.66 31.10 -8.34
C ALA B 154 26.33 30.38 -8.07
N PHE B 155 26.41 29.23 -7.40
CA PHE B 155 25.20 28.48 -7.08
C PHE B 155 24.74 28.94 -5.72
N SER B 156 23.59 29.61 -5.67
CA SER B 156 23.07 30.15 -4.41
C SER B 156 23.12 29.27 -3.18
N LEU B 157 23.94 29.66 -2.23
CA LEU B 157 24.06 28.93 -0.99
C LEU B 157 22.70 28.79 -0.28
N ALA B 158 21.87 29.83 -0.34
CA ALA B 158 20.56 29.82 0.29
C ALA B 158 19.70 28.66 -0.22
N HIS B 159 19.83 28.39 -1.52
CA HIS B 159 19.06 27.35 -2.19
C HIS B 159 19.63 26.00 -1.91
N ARG B 160 20.72 25.96 -1.19
CA ARG B 160 21.31 24.70 -0.90
C ARG B 160 20.86 24.15 0.41
N ARG B 161 19.63 24.47 0.76
CA ARG B 161 19.00 23.92 1.96
C ARG B 161 17.56 23.90 1.60
N VAL B 162 16.79 23.02 2.23
CA VAL B 162 15.39 22.97 1.87
C VAL B 162 14.80 24.31 2.22
N TYR B 163 14.27 24.99 1.23
CA TYR B 163 13.68 26.30 1.45
C TYR B 163 12.34 26.45 0.75
N GLN B 164 11.90 25.41 0.06
CA GLN B 164 10.63 25.52 -0.65
C GLN B 164 9.43 25.00 0.12
N ASP B 165 8.24 25.32 -0.40
CA ASP B 165 6.99 24.85 0.20
C ASP B 165 6.97 23.35 0.00
N MET B 166 7.32 22.60 1.05
CA MET B 166 7.31 21.11 1.03
C MET B 166 5.96 20.50 1.48
N ASP B 167 4.90 21.28 1.35
CA ASP B 167 3.58 20.84 1.82
C ASP B 167 2.54 20.61 0.74
N GLN B 168 2.96 20.69 -0.53
CA GLN B 168 2.04 20.42 -1.62
C GLN B 168 2.04 18.95 -1.97
N PRO B 169 1.07 18.54 -2.78
CA PRO B 169 0.98 17.14 -3.16
C PRO B 169 2.16 16.76 -4.05
N LEU B 170 2.66 15.53 -3.89
CA LEU B 170 3.81 15.01 -4.65
C LEU B 170 3.83 15.46 -6.10
N SER B 171 2.68 15.40 -6.75
CA SER B 171 2.55 15.78 -8.14
C SER B 171 3.06 17.19 -8.47
N HIS B 172 3.28 17.99 -7.45
CA HIS B 172 3.69 19.38 -7.65
C HIS B 172 5.21 19.58 -7.65
N TYR B 173 5.93 18.50 -7.40
CA TYR B 173 7.38 18.51 -7.34
C TYR B 173 8.03 17.70 -8.44
N LEU B 174 9.25 18.07 -8.83
CA LEU B 174 10.04 17.27 -9.77
C LEU B 174 10.67 16.31 -8.78
N VAL B 175 10.73 15.03 -9.11
CA VAL B 175 11.29 14.06 -8.19
C VAL B 175 12.51 13.35 -8.80
N SER B 176 13.57 13.25 -8.02
CA SER B 176 14.77 12.62 -8.50
C SER B 176 14.51 11.13 -8.62
N SER B 177 14.58 10.64 -9.86
CA SER B 177 14.29 9.25 -10.15
C SER B 177 15.32 8.58 -11.04
N SER B 178 15.60 7.32 -10.73
CA SER B 178 16.55 6.49 -11.46
C SER B 178 15.90 5.33 -12.23
N HIS B 179 16.45 4.99 -13.38
CA HIS B 179 15.91 3.90 -14.17
C HIS B 179 16.73 2.66 -13.97
N ASN B 180 16.08 1.50 -13.80
CA ASN B 180 16.75 0.20 -13.58
C ASN B 180 17.90 0.32 -12.63
N THR B 181 17.58 0.94 -11.53
CA THR B 181 18.54 1.27 -10.52
C THR B 181 19.58 0.25 -10.22
N TYR B 182 19.20 -1.01 -10.31
CA TYR B 182 20.11 -2.13 -9.97
C TYR B 182 21.33 -2.27 -10.88
N LEU B 183 21.26 -1.67 -12.06
CA LEU B 183 22.35 -1.79 -13.04
C LEU B 183 23.51 -0.81 -12.82
N LEU B 184 24.72 -1.32 -12.96
CA LEU B 184 25.95 -0.52 -12.85
C LEU B 184 26.42 -0.08 -14.24
N GLU B 185 26.06 -0.83 -15.27
CA GLU B 185 26.52 -0.51 -16.62
C GLU B 185 25.46 -0.59 -17.69
N ASP B 186 25.67 -1.44 -18.71
CA ASP B 186 24.70 -1.56 -19.83
C ASP B 186 23.48 -2.37 -19.40
N GLN B 187 22.45 -2.35 -20.24
CA GLN B 187 21.18 -3.06 -19.99
C GLN B 187 21.15 -4.53 -20.41
N LEU B 188 22.21 -5.00 -21.04
CA LEU B 188 22.23 -6.34 -21.63
C LEU B 188 23.04 -7.39 -20.93
N THR B 189 24.24 -7.06 -20.48
CA THR B 189 25.07 -8.08 -19.85
C THR B 189 25.89 -7.54 -18.71
N GLY B 190 25.81 -6.25 -18.47
CA GLY B 190 26.57 -5.65 -17.37
C GLY B 190 26.06 -6.20 -16.04
N PRO B 191 26.79 -5.91 -14.98
CA PRO B 191 26.40 -6.38 -13.67
C PRO B 191 25.35 -5.51 -12.99
N SER B 192 24.71 -6.10 -11.99
CA SER B 192 23.71 -5.46 -11.14
C SER B 192 24.38 -5.50 -9.78
N SER B 193 24.02 -4.56 -8.91
CA SER B 193 24.61 -4.55 -7.58
C SER B 193 23.83 -3.66 -6.63
N THR B 194 23.89 -3.99 -5.36
CA THR B 194 23.22 -3.18 -4.35
C THR B 194 23.91 -1.80 -4.33
N GLU B 195 25.21 -1.80 -4.64
CA GLU B 195 25.99 -0.58 -4.68
C GLU B 195 25.33 0.43 -5.60
N ALA B 196 24.74 -0.03 -6.70
CA ALA B 196 24.12 0.90 -7.61
C ALA B 196 22.99 1.62 -6.89
N TYR B 197 22.30 0.91 -6.00
CA TYR B 197 21.19 1.52 -5.24
C TYR B 197 21.78 2.52 -4.24
N ILE B 198 22.81 2.10 -3.55
CA ILE B 198 23.46 2.95 -2.59
C ILE B 198 23.95 4.23 -3.23
N ARG B 199 24.68 4.09 -4.32
CA ARG B 199 25.17 5.27 -4.98
C ARG B 199 24.06 6.21 -5.38
N ALA B 200 23.01 5.69 -6.01
CA ALA B 200 21.91 6.57 -6.44
C ALA B 200 21.31 7.29 -5.24
N LEU B 201 21.11 6.56 -4.15
CA LEU B 201 20.52 7.12 -2.97
C LEU B 201 21.44 8.19 -2.42
N CYS B 202 22.73 7.90 -2.43
CA CYS B 202 23.66 8.87 -1.96
C CYS B 202 23.70 10.13 -2.83
N LYS B 203 23.24 10.05 -4.08
CA LYS B 203 23.19 11.23 -4.96
C LYS B 203 21.82 11.88 -4.83
N GLY B 204 21.07 11.47 -3.80
CA GLY B 204 19.74 12.04 -3.54
C GLY B 204 18.57 11.42 -4.29
N CYS B 205 18.79 10.33 -5.02
CA CYS B 205 17.68 9.72 -5.74
C CYS B 205 16.53 9.37 -4.80
N ARG B 206 15.30 9.71 -5.17
CA ARG B 206 14.16 9.43 -4.33
C ARG B 206 13.37 8.23 -4.89
N CYS B 207 13.19 8.19 -6.20
CA CYS B 207 12.43 7.12 -6.78
C CYS B 207 13.31 6.03 -7.44
N LEU B 208 13.36 4.85 -6.83
CA LEU B 208 14.16 3.70 -7.33
C LEU B 208 13.36 2.58 -8.05
N GLU B 209 14.05 1.81 -8.91
CA GLU B 209 13.44 0.70 -9.66
C GLU B 209 13.89 -0.67 -9.23
N LEU B 210 12.92 -1.54 -8.98
CA LEU B 210 13.22 -2.92 -8.61
C LEU B 210 12.50 -3.84 -9.59
N ASP B 211 13.28 -4.61 -10.36
CA ASP B 211 12.74 -5.55 -11.37
C ASP B 211 12.81 -6.91 -10.71
N CYS B 212 11.66 -7.38 -10.25
CA CYS B 212 11.60 -8.63 -9.49
C CYS B 212 11.22 -9.87 -10.24
N TRP B 213 12.07 -10.88 -10.09
CA TRP B 213 11.91 -12.14 -10.77
C TRP B 213 12.15 -13.26 -9.77
N ASP B 214 11.55 -14.41 -10.06
CA ASP B 214 11.68 -15.56 -9.19
C ASP B 214 13.14 -15.98 -9.16
N GLY B 215 13.58 -16.43 -8.02
CA GLY B 215 14.96 -16.88 -7.92
C GLY B 215 14.98 -18.22 -7.19
N PRO B 216 16.15 -18.82 -7.18
CA PRO B 216 16.37 -20.09 -6.50
C PRO B 216 16.03 -19.99 -5.03
N ASN B 217 15.80 -21.13 -4.43
CA ASN B 217 15.54 -21.16 -3.02
C ASN B 217 14.38 -20.27 -2.68
N GLN B 218 13.49 -20.08 -3.66
CA GLN B 218 12.30 -19.28 -3.45
C GLN B 218 12.64 -17.91 -2.89
N GLU B 219 13.81 -17.41 -3.26
CA GLU B 219 14.27 -16.08 -2.86
C GLU B 219 14.22 -15.27 -4.12
N PRO B 220 13.32 -14.30 -4.19
CA PRO B 220 13.17 -13.44 -5.38
C PRO B 220 14.47 -12.73 -5.71
N ILE B 221 14.71 -12.45 -6.99
CA ILE B 221 15.93 -11.78 -7.42
C ILE B 221 15.62 -10.56 -8.23
N ILE B 222 16.67 -9.76 -8.43
CA ILE B 222 16.51 -8.58 -9.21
C ILE B 222 17.54 -8.58 -10.29
N TYR B 223 17.08 -8.27 -11.49
CA TYR B 223 17.92 -8.18 -12.67
C TYR B 223 17.06 -7.75 -13.86
N HIS B 224 17.68 -7.51 -15.01
CA HIS B 224 16.96 -7.07 -16.21
C HIS B 224 16.39 -8.27 -16.92
N GLY B 225 15.07 -8.40 -16.90
CA GLY B 225 14.44 -9.56 -17.47
C GLY B 225 14.80 -9.77 -18.92
N TYR B 226 15.09 -11.02 -19.26
CA TYR B 226 15.38 -11.40 -20.63
C TYR B 226 16.76 -10.96 -21.14
N THR B 227 17.67 -10.65 -20.23
CA THR B 227 18.99 -10.23 -20.65
C THR B 227 19.95 -11.04 -19.84
N PHE B 228 21.22 -10.75 -20.02
CA PHE B 228 22.24 -11.49 -19.29
C PHE B 228 22.83 -10.69 -18.15
N THR B 229 22.18 -9.57 -17.81
CA THR B 229 22.66 -8.72 -16.71
C THR B 229 22.75 -9.57 -15.45
N SER B 230 23.77 -9.40 -14.63
CA SER B 230 23.87 -10.21 -13.40
C SER B 230 22.69 -10.01 -12.44
N LYS B 231 22.56 -10.91 -11.47
CA LYS B 231 21.41 -10.86 -10.58
C LYS B 231 21.76 -10.66 -9.13
N ILE B 232 20.82 -10.07 -8.41
CA ILE B 232 21.05 -9.87 -7.00
C ILE B 232 19.72 -10.17 -6.33
N LEU B 233 19.80 -10.34 -5.02
CA LEU B 233 18.65 -10.66 -4.20
C LEU B 233 17.81 -9.49 -3.82
N PHE B 234 16.50 -9.67 -3.96
CA PHE B 234 15.54 -8.66 -3.56
C PHE B 234 15.76 -8.28 -2.09
N CYS B 235 16.06 -9.25 -1.25
CA CYS B 235 16.25 -8.94 0.15
C CYS B 235 17.47 -8.08 0.41
N ASP B 236 18.58 -8.43 -0.24
CA ASP B 236 19.80 -7.66 -0.09
C ASP B 236 19.56 -6.22 -0.54
N VAL B 237 18.79 -6.05 -1.59
CA VAL B 237 18.51 -4.72 -2.07
C VAL B 237 17.75 -3.95 -1.03
N LEU B 238 16.76 -4.58 -0.42
CA LEU B 238 15.92 -3.90 0.57
C LEU B 238 16.76 -3.40 1.73
N ARG B 239 17.74 -4.19 2.12
CA ARG B 239 18.55 -3.78 3.25
C ARG B 239 19.26 -2.48 2.92
N ALA B 240 19.93 -2.49 1.78
CA ALA B 240 20.67 -1.33 1.31
C ALA B 240 19.76 -0.11 1.21
N ILE B 241 18.57 -0.28 0.65
CA ILE B 241 17.69 0.85 0.53
C ILE B 241 17.39 1.34 1.93
N ARG B 242 17.11 0.41 2.82
CA ARG B 242 16.79 0.73 4.21
C ARG B 242 17.90 1.53 4.82
N ASP B 243 19.11 1.06 4.63
CA ASP B 243 20.24 1.74 5.22
C ASP B 243 20.59 3.10 4.62
N TYR B 244 20.12 3.42 3.43
CA TYR B 244 20.54 4.68 2.85
C TYR B 244 19.44 5.57 2.42
N ALA B 245 18.21 5.07 2.49
CA ALA B 245 17.06 5.81 2.02
C ALA B 245 17.05 7.28 2.40
N PHE B 246 17.48 7.57 3.62
CA PHE B 246 17.44 8.95 4.02
C PHE B 246 18.76 9.60 4.38
N LYS B 247 19.86 8.99 3.96
CA LYS B 247 21.16 9.57 4.22
C LYS B 247 21.26 10.96 3.60
N ALA B 248 20.68 11.15 2.43
CA ALA B 248 20.78 12.43 1.76
C ALA B 248 19.57 13.32 1.83
N SER B 249 18.44 12.75 2.24
CA SER B 249 17.24 13.54 2.31
C SER B 249 16.32 12.80 3.22
N PRO B 250 15.42 13.55 3.82
CA PRO B 250 14.46 12.99 4.77
C PRO B 250 13.14 12.71 4.03
N TYR B 251 12.99 13.25 2.83
CA TYR B 251 11.78 13.06 2.09
C TYR B 251 11.58 11.65 1.57
N PRO B 252 10.33 11.26 1.34
CA PRO B 252 10.02 9.90 0.92
C PRO B 252 10.74 9.29 -0.31
N VAL B 253 11.04 8.00 -0.18
CA VAL B 253 11.59 7.19 -1.25
C VAL B 253 10.45 6.31 -1.84
N ILE B 254 10.32 6.33 -3.16
CA ILE B 254 9.31 5.56 -3.86
C ILE B 254 9.99 4.38 -4.53
N LEU B 255 9.52 3.17 -4.29
CA LEU B 255 10.08 1.99 -4.95
C LEU B 255 9.12 1.50 -6.05
N SER B 256 9.58 1.58 -7.28
CA SER B 256 8.80 1.17 -8.42
C SER B 256 9.09 -0.29 -8.58
N LEU B 257 8.08 -1.12 -8.30
CA LEU B 257 8.21 -2.55 -8.40
C LEU B 257 7.69 -3.02 -9.75
N GLU B 258 8.53 -3.73 -10.49
CA GLU B 258 8.14 -4.33 -11.77
C GLU B 258 8.18 -5.78 -11.36
N ASN B 259 7.00 -6.30 -11.14
CA ASN B 259 6.86 -7.62 -10.58
C ASN B 259 6.61 -8.76 -11.55
N HIS B 260 7.54 -9.70 -11.59
CA HIS B 260 7.41 -10.85 -12.46
C HIS B 260 7.44 -12.11 -11.64
N CYS B 261 7.15 -11.98 -10.37
CA CYS B 261 7.25 -13.12 -9.49
C CYS B 261 6.01 -13.99 -9.45
N SER B 262 6.24 -15.25 -9.13
CA SER B 262 5.17 -16.21 -8.95
C SER B 262 4.42 -15.74 -7.72
N LEU B 263 3.21 -16.22 -7.52
CA LEU B 263 2.46 -15.82 -6.35
C LEU B 263 3.24 -16.13 -5.08
N GLU B 264 3.89 -17.28 -5.02
CA GLU B 264 4.63 -17.60 -3.83
C GLU B 264 5.72 -16.60 -3.57
N GLN B 265 6.60 -16.42 -4.54
CA GLN B 265 7.72 -15.50 -4.38
C GLN B 265 7.23 -14.06 -4.16
N GLN B 266 6.07 -13.70 -4.72
CA GLN B 266 5.52 -12.39 -4.45
C GLN B 266 5.26 -12.31 -2.94
N ARG B 267 4.74 -13.39 -2.36
CA ARG B 267 4.46 -13.41 -0.93
C ARG B 267 5.74 -13.18 -0.22
N VAL B 268 6.79 -13.82 -0.68
CA VAL B 268 8.09 -13.67 -0.07
C VAL B 268 8.56 -12.22 -0.15
N MET B 269 8.23 -11.54 -1.24
CA MET B 269 8.61 -10.15 -1.40
C MET B 269 7.95 -9.36 -0.31
N ALA B 270 6.63 -9.50 -0.20
CA ALA B 270 5.90 -8.77 0.80
C ALA B 270 6.47 -9.04 2.19
N ARG B 271 6.86 -10.28 2.44
CA ARG B 271 7.39 -10.61 3.76
C ARG B 271 8.64 -9.79 4.01
N HIS B 272 9.53 -9.78 3.04
CA HIS B 272 10.77 -9.03 3.12
C HIS B 272 10.50 -7.52 3.30
N LEU B 273 9.59 -6.97 2.52
CA LEU B 273 9.29 -5.56 2.61
C LEU B 273 8.94 -5.19 4.01
N ARG B 274 8.03 -5.95 4.60
CA ARG B 274 7.57 -5.71 5.94
C ARG B 274 8.70 -5.95 6.93
N ALA B 275 9.32 -7.10 6.81
CA ALA B 275 10.35 -7.48 7.76
C ALA B 275 11.52 -6.54 7.77
N ILE B 276 11.91 -6.11 6.59
CA ILE B 276 13.08 -5.29 6.46
C ILE B 276 12.83 -3.78 6.56
N LEU B 277 11.84 -3.28 5.84
CA LEU B 277 11.55 -1.88 5.90
C LEU B 277 10.86 -1.53 7.22
N GLY B 278 10.12 -2.49 7.74
CA GLY B 278 9.37 -2.29 8.97
C GLY B 278 8.51 -1.05 8.90
N PRO B 279 8.73 -0.20 9.89
CA PRO B 279 8.00 1.05 10.07
C PRO B 279 8.24 2.11 9.02
N ILE B 280 9.35 2.04 8.30
CA ILE B 280 9.59 3.04 7.26
C ILE B 280 8.59 2.84 6.13
N LEU B 281 8.21 1.60 5.93
CA LEU B 281 7.30 1.26 4.88
C LEU B 281 5.92 1.87 5.12
N LEU B 282 5.38 2.55 4.12
CA LEU B 282 4.03 3.08 4.22
C LEU B 282 3.11 1.97 3.67
N ASP B 283 2.29 1.37 4.55
CA ASP B 283 1.35 0.31 4.13
C ASP B 283 -0.10 0.67 4.39
N GLN B 284 -0.36 1.94 4.60
CA GLN B 284 -1.71 2.35 4.85
C GLN B 284 -1.87 3.85 4.68
N PRO B 285 -2.95 4.23 4.02
CA PRO B 285 -3.31 5.62 3.74
C PRO B 285 -3.03 6.55 4.91
N LEU B 286 -2.68 7.79 4.61
CA LEU B 286 -2.34 8.72 5.66
C LEU B 286 -3.59 9.44 6.08
N ASP B 287 -3.64 9.83 7.34
CA ASP B 287 -4.79 10.56 7.81
C ASP B 287 -4.77 11.95 7.21
N GLY B 288 -5.89 12.40 6.71
CA GLY B 288 -5.95 13.74 6.18
C GLY B 288 -5.80 13.82 4.68
N VAL B 289 -5.21 12.78 4.10
CA VAL B 289 -5.01 12.77 2.65
C VAL B 289 -6.12 11.96 1.99
N THR B 290 -6.97 12.65 1.23
CA THR B 290 -8.12 12.08 0.53
C THR B 290 -8.40 12.59 -0.89
N THR B 291 -8.17 13.86 -1.15
CA THR B 291 -8.52 14.36 -2.47
C THR B 291 -7.30 14.60 -3.31
N SER B 292 -6.13 14.39 -2.72
CA SER B 292 -4.89 14.64 -3.41
C SER B 292 -3.81 13.75 -2.90
N LEU B 293 -2.69 13.78 -3.60
CA LEU B 293 -1.55 13.00 -3.19
C LEU B 293 -1.01 13.60 -1.91
N PRO B 294 -0.32 12.81 -1.11
CA PRO B 294 0.31 13.35 0.07
C PRO B 294 1.36 14.34 -0.38
N SER B 295 1.99 14.98 0.60
CA SER B 295 3.05 15.96 0.37
C SER B 295 4.32 15.28 0.81
N PRO B 296 5.45 15.85 0.43
CA PRO B 296 6.73 15.28 0.84
C PRO B 296 6.79 15.34 2.34
N GLU B 297 6.29 16.42 2.90
CA GLU B 297 6.29 16.59 4.34
C GLU B 297 5.46 15.48 5.00
N GLN B 298 4.26 15.25 4.50
CA GLN B 298 3.40 14.21 5.05
C GLN B 298 4.01 12.82 4.96
N LEU B 299 4.75 12.58 3.88
CA LEU B 299 5.40 11.29 3.65
C LEU B 299 6.83 11.21 4.16
N LYS B 300 7.27 12.26 4.82
CA LYS B 300 8.62 12.33 5.33
C LYS B 300 9.04 11.12 6.13
N GLY B 301 10.20 10.56 5.81
CA GLY B 301 10.71 9.40 6.53
C GLY B 301 10.07 8.08 6.08
N LYS B 302 9.23 8.14 5.06
CA LYS B 302 8.55 6.95 4.58
C LYS B 302 9.12 6.43 3.26
N ILE B 303 8.80 5.17 2.99
CA ILE B 303 9.13 4.56 1.72
C ILE B 303 7.81 4.03 1.16
N LEU B 304 7.36 4.52 0.00
CA LEU B 304 6.13 3.99 -0.58
C LEU B 304 6.38 3.13 -1.81
N LEU B 305 5.57 2.10 -1.98
CA LEU B 305 5.71 1.19 -3.12
C LEU B 305 4.88 1.74 -4.23
N LYS B 306 5.30 1.48 -5.47
CA LYS B 306 4.57 1.85 -6.67
C LYS B 306 4.45 0.54 -7.44
N GLY B 307 3.25 0.18 -7.86
CA GLY B 307 3.06 -1.09 -8.57
C GLY B 307 1.62 -1.34 -8.98
N LYS B 308 1.37 -2.55 -9.49
CA LYS B 308 0.03 -2.96 -9.93
C LYS B 308 -0.77 -3.28 -8.71
N LYS B 309 -2.01 -2.81 -8.67
CA LYS B 309 -2.87 -3.03 -7.54
C LYS B 309 -4.05 -3.86 -7.99
N LEU B 310 -4.43 -4.85 -7.19
CA LEU B 310 -5.58 -5.67 -7.51
C LEU B 310 -6.78 -4.77 -7.71
N GLY B 311 -7.46 -5.00 -8.81
CA GLY B 311 -8.59 -4.19 -9.26
C GLY B 311 -9.64 -3.85 -8.24
N GLY B 312 -10.25 -2.68 -8.40
CA GLY B 312 -11.31 -2.22 -7.53
C GLY B 312 -12.62 -2.19 -8.29
N LEU B 313 -13.52 -1.29 -7.91
CA LEU B 313 -14.82 -1.16 -8.57
C LEU B 313 -14.78 -1.11 -10.09
N ASP B 352 -7.07 -11.32 -12.01
CA ASP B 352 -6.03 -10.57 -11.30
C ASP B 352 -5.52 -11.40 -10.12
N LYS B 353 -6.48 -11.87 -9.31
CA LYS B 353 -6.21 -12.67 -8.12
C LYS B 353 -5.25 -13.84 -8.33
N LEU B 354 -5.33 -14.44 -9.52
CA LEU B 354 -4.47 -15.57 -9.84
C LEU B 354 -3.16 -15.06 -10.42
N LYS B 355 -2.96 -13.74 -10.36
CA LYS B 355 -1.75 -13.13 -10.89
C LYS B 355 -1.01 -12.29 -9.86
N LEU B 356 -1.76 -11.68 -8.95
CA LEU B 356 -1.19 -10.78 -7.95
C LEU B 356 -1.69 -11.09 -6.55
N VAL B 357 -0.77 -11.31 -5.63
CA VAL B 357 -1.14 -11.59 -4.25
C VAL B 357 -1.56 -10.31 -3.54
N PRO B 358 -2.53 -10.46 -2.64
CA PRO B 358 -3.06 -9.35 -1.88
C PRO B 358 -2.01 -8.76 -0.95
N GLU B 359 -1.17 -9.61 -0.39
CA GLU B 359 -0.10 -9.17 0.50
C GLU B 359 0.70 -8.01 -0.08
N LEU B 360 0.97 -8.07 -1.38
CA LEU B 360 1.70 -7.02 -2.06
C LEU B 360 0.76 -5.98 -2.55
N SER B 361 -0.28 -6.39 -3.26
CA SER B 361 -1.24 -5.44 -3.80
C SER B 361 -1.77 -4.51 -2.76
N ASP B 362 -1.88 -5.02 -1.54
CA ASP B 362 -2.42 -4.25 -0.45
C ASP B 362 -1.48 -3.13 0.03
N MET B 363 -0.19 -3.25 -0.29
CA MET B 363 0.82 -2.27 0.10
C MET B 363 0.91 -1.07 -0.84
N ILE B 364 0.29 -1.17 -2.02
CA ILE B 364 0.31 -0.10 -3.00
C ILE B 364 -0.78 0.84 -2.58
N ILE B 365 -0.39 2.02 -2.09
CA ILE B 365 -1.34 3.01 -1.64
C ILE B 365 -1.50 4.21 -2.54
N TYR B 366 -0.44 4.96 -2.75
CA TYR B 366 -0.54 6.20 -3.51
C TYR B 366 -0.12 6.18 -4.95
N CYS B 367 0.46 5.07 -5.39
CA CYS B 367 0.91 4.99 -6.78
C CYS B 367 0.59 3.67 -7.45
N LYS B 368 -0.62 3.54 -7.96
CA LYS B 368 -1.00 2.31 -8.62
C LYS B 368 -0.60 2.46 -10.06
N SER B 369 0.11 1.46 -10.59
CA SER B 369 0.52 1.49 -11.99
C SER B 369 -0.71 1.34 -12.89
N VAL B 370 -0.87 2.26 -13.83
CA VAL B 370 -1.97 2.20 -14.72
C VAL B 370 -1.47 2.41 -16.13
N HIS B 371 -2.23 1.95 -17.11
CA HIS B 371 -1.86 2.15 -18.50
C HIS B 371 -2.37 3.53 -18.81
N PHE B 372 -1.61 4.28 -19.59
CA PHE B 372 -2.04 5.61 -19.90
C PHE B 372 -3.40 5.62 -20.55
N GLY B 373 -4.35 6.24 -19.86
CA GLY B 373 -5.71 6.36 -20.39
C GLY B 373 -5.71 7.45 -21.47
N GLY B 374 -5.64 8.70 -21.02
CA GLY B 374 -5.62 9.83 -21.92
C GLY B 374 -5.68 11.04 -21.03
N PHE B 375 -5.86 12.20 -21.66
CA PHE B 375 -5.96 13.47 -20.93
C PHE B 375 -7.44 13.89 -20.83
N SER B 376 -7.87 14.16 -19.59
CA SER B 376 -9.26 14.43 -19.32
C SER B 376 -9.92 15.79 -19.16
N SER B 377 -9.42 16.83 -19.82
CA SER B 377 -10.19 18.10 -19.80
C SER B 377 -11.50 17.67 -20.53
N PRO B 378 -11.36 16.73 -21.49
CA PRO B 378 -12.51 16.11 -22.14
C PRO B 378 -13.27 15.29 -21.06
N GLY B 379 -14.07 15.99 -20.28
CA GLY B 379 -14.83 15.38 -19.19
C GLY B 379 -14.30 15.92 -17.87
N THR B 380 -14.14 15.03 -16.88
CA THR B 380 -13.64 15.41 -15.57
C THR B 380 -13.04 14.20 -14.87
N SER B 381 -13.17 13.04 -15.51
CA SER B 381 -12.66 11.81 -14.93
C SER B 381 -11.52 11.18 -15.72
N GLY B 382 -10.33 11.19 -15.13
CA GLY B 382 -9.16 10.58 -15.78
C GLY B 382 -8.49 9.63 -14.76
N GLN B 383 -7.17 9.78 -14.59
CA GLN B 383 -6.51 8.94 -13.62
C GLN B 383 -6.70 9.52 -12.23
N ALA B 384 -6.80 8.64 -11.27
CA ALA B 384 -6.96 9.08 -9.93
C ALA B 384 -5.60 9.65 -9.58
N PHE B 385 -5.60 10.54 -8.62
CA PHE B 385 -4.38 11.12 -8.18
C PHE B 385 -3.48 10.00 -7.70
N TYR B 386 -4.05 8.87 -7.34
CA TYR B 386 -3.22 7.82 -6.81
C TYR B 386 -2.83 6.81 -7.88
N GLU B 387 -3.06 7.20 -9.12
CA GLU B 387 -2.69 6.35 -10.26
C GLU B 387 -1.54 6.96 -11.04
N MET B 388 -0.49 6.18 -11.25
CA MET B 388 0.69 6.63 -11.98
C MET B 388 0.93 5.97 -13.34
N ALA B 389 0.89 6.75 -14.41
CA ALA B 389 1.17 6.21 -15.73
C ALA B 389 2.65 6.37 -16.09
N SER B 390 3.16 5.47 -16.92
CA SER B 390 4.55 5.54 -17.37
C SER B 390 4.61 5.74 -18.87
N PHE B 391 5.61 6.47 -19.34
CA PHE B 391 5.76 6.69 -20.76
C PHE B 391 7.19 6.54 -21.11
N SER B 392 7.44 5.92 -22.26
CA SER B 392 8.79 5.79 -22.72
C SER B 392 9.14 7.18 -23.22
N GLU B 393 10.43 7.43 -23.30
CA GLU B 393 10.94 8.69 -23.80
C GLU B 393 10.25 9.05 -25.13
N SER B 394 10.12 8.08 -25.99
CA SER B 394 9.48 8.28 -27.28
C SER B 394 8.02 8.73 -27.20
N ARG B 395 7.20 7.97 -26.49
CA ARG B 395 5.77 8.29 -26.35
C ARG B 395 5.57 9.67 -25.75
N ALA B 396 6.33 9.92 -24.70
CA ALA B 396 6.28 11.17 -24.00
C ALA B 396 6.48 12.30 -24.97
N LEU B 397 7.53 12.21 -25.78
CA LEU B 397 7.80 13.25 -26.75
C LEU B 397 6.61 13.45 -27.64
N ARG B 398 6.02 12.35 -28.10
CA ARG B 398 4.86 12.44 -28.98
C ARG B 398 3.75 13.20 -28.29
N LEU B 399 3.48 12.77 -27.06
CA LEU B 399 2.41 13.38 -26.29
C LEU B 399 2.67 14.85 -26.09
N LEU B 400 3.93 15.23 -25.90
CA LEU B 400 4.28 16.64 -25.68
C LEU B 400 4.23 17.38 -26.96
N GLN B 401 4.42 16.65 -28.04
CA GLN B 401 4.41 17.24 -29.35
C GLN B 401 2.98 17.54 -29.74
N GLU B 402 2.07 16.61 -29.48
CA GLU B 402 0.68 16.84 -29.86
C GLU B 402 -0.25 17.32 -28.79
N SER B 403 0.03 16.97 -27.55
CA SER B 403 -0.87 17.36 -26.48
C SER B 403 -0.13 17.91 -25.30
N GLY B 404 0.81 18.81 -25.61
CA GLY B 404 1.62 19.46 -24.60
C GLY B 404 0.82 19.94 -23.40
N ASN B 405 -0.17 20.80 -23.64
CA ASN B 405 -0.97 21.32 -22.55
C ASN B 405 -1.76 20.23 -21.85
N GLY B 406 -2.22 19.23 -22.60
CA GLY B 406 -2.97 18.14 -22.00
C GLY B 406 -2.08 17.45 -20.98
N PHE B 407 -0.85 17.19 -21.37
CA PHE B 407 0.10 16.49 -20.51
C PHE B 407 0.44 17.32 -19.30
N VAL B 408 0.65 18.61 -19.55
CA VAL B 408 0.97 19.54 -18.48
C VAL B 408 -0.13 19.56 -17.45
N ARG B 409 -1.35 19.84 -17.92
CA ARG B 409 -2.54 19.88 -17.06
C ARG B 409 -2.68 18.54 -16.35
N HIS B 410 -2.43 17.45 -17.07
CA HIS B 410 -2.51 16.14 -16.45
C HIS B 410 -1.56 16.12 -15.27
N ASN B 411 -0.32 16.51 -15.54
CA ASN B 411 0.72 16.45 -14.53
C ASN B 411 0.57 17.29 -13.28
N VAL B 412 -0.42 18.17 -13.26
CA VAL B 412 -0.64 19.01 -12.08
C VAL B 412 -1.05 18.19 -10.86
N SER B 413 -1.97 17.27 -11.05
CA SER B 413 -2.47 16.50 -9.93
C SER B 413 -2.02 15.07 -10.01
N CYS B 414 -1.43 14.70 -11.13
CA CYS B 414 -0.97 13.34 -11.35
C CYS B 414 0.53 13.19 -11.57
N LEU B 415 1.12 12.17 -10.95
CA LEU B 415 2.54 11.84 -11.11
C LEU B 415 2.69 10.98 -12.39
N SER B 416 3.57 11.41 -13.29
CA SER B 416 3.86 10.68 -14.53
C SER B 416 5.30 10.21 -14.46
N ARG B 417 5.55 9.02 -14.93
CA ARG B 417 6.91 8.53 -14.93
C ARG B 417 7.37 8.35 -16.37
N ILE B 418 8.61 8.76 -16.65
CA ILE B 418 9.16 8.68 -18.00
C ILE B 418 10.38 7.85 -17.88
N TYR B 419 10.64 7.02 -18.88
CA TYR B 419 11.82 6.16 -18.86
C TYR B 419 12.49 6.18 -20.22
N PRO B 420 13.77 5.85 -20.22
CA PRO B 420 14.59 5.85 -21.44
C PRO B 420 14.11 4.91 -22.56
N ALA B 421 14.24 5.35 -23.81
CA ALA B 421 13.87 4.52 -24.97
C ALA B 421 14.62 3.17 -24.93
N GLY B 422 13.96 2.15 -25.47
CA GLY B 422 14.49 0.80 -25.43
C GLY B 422 15.82 0.63 -26.11
N TRP B 423 16.09 1.42 -27.13
CA TRP B 423 17.34 1.28 -27.85
C TRP B 423 18.53 1.75 -27.09
N ARG B 424 18.31 2.31 -25.92
CA ARG B 424 19.44 2.78 -25.15
C ARG B 424 20.04 1.68 -24.31
N THR B 425 20.39 0.58 -24.97
CA THR B 425 20.98 -0.57 -24.26
C THR B 425 22.34 -0.27 -23.62
N ASP B 426 22.88 0.89 -23.99
CA ASP B 426 24.15 1.37 -23.46
C ASP B 426 23.92 2.17 -22.19
N SER B 427 22.68 2.23 -21.73
CA SER B 427 22.37 3.01 -20.56
C SER B 427 22.63 4.49 -20.81
N SER B 428 22.57 4.92 -22.06
CA SER B 428 22.73 6.32 -22.35
C SER B 428 21.51 7.00 -21.74
N ASN B 429 21.46 8.34 -21.71
CA ASN B 429 20.31 9.08 -21.13
C ASN B 429 19.76 10.13 -22.05
N TYR B 430 18.46 10.42 -21.95
CA TYR B 430 17.84 11.47 -22.76
C TYR B 430 17.84 12.76 -21.93
N SER B 431 17.41 13.85 -22.53
CA SER B 431 17.38 15.11 -21.81
C SER B 431 16.16 15.16 -20.97
N PRO B 432 16.35 15.43 -19.68
CA PRO B 432 15.26 15.47 -18.73
C PRO B 432 14.45 16.73 -18.89
N VAL B 433 15.15 17.80 -19.27
CA VAL B 433 14.52 19.10 -19.46
C VAL B 433 13.28 19.02 -20.29
N GLU B 434 13.38 18.36 -21.43
CA GLU B 434 12.24 18.23 -22.31
C GLU B 434 11.05 17.60 -21.60
N MET B 435 11.30 16.77 -20.60
CA MET B 435 10.20 16.15 -19.86
C MET B 435 9.65 17.08 -18.77
N TRP B 436 10.56 17.75 -18.09
CA TRP B 436 10.20 18.70 -17.06
C TRP B 436 9.40 19.84 -17.65
N ASN B 437 9.65 20.16 -18.90
CA ASN B 437 8.92 21.22 -19.53
C ASN B 437 7.44 20.88 -19.72
N GLY B 438 7.11 19.60 -19.55
CA GLY B 438 5.73 19.16 -19.70
C GLY B 438 5.21 18.86 -18.30
N GLY B 439 6.01 19.17 -17.31
CA GLY B 439 5.62 18.96 -15.95
C GLY B 439 5.84 17.54 -15.50
N CYS B 440 6.52 16.73 -16.31
CA CYS B 440 6.73 15.33 -15.92
C CYS B 440 7.62 15.26 -14.71
N GLN B 441 7.14 14.59 -13.68
CA GLN B 441 7.87 14.54 -12.44
C GLN B 441 8.80 13.41 -12.12
N ILE B 442 8.43 12.19 -12.49
CA ILE B 442 9.30 11.06 -12.23
C ILE B 442 10.05 10.72 -13.52
N VAL B 443 10.99 11.58 -13.87
CA VAL B 443 11.80 11.45 -15.07
C VAL B 443 13.01 10.60 -14.74
N ALA B 444 12.90 9.30 -15.03
CA ALA B 444 13.92 8.30 -14.73
C ALA B 444 15.10 8.27 -15.67
N LEU B 445 16.29 8.29 -15.08
CA LEU B 445 17.51 8.32 -15.85
C LEU B 445 18.39 7.24 -15.33
N ASN B 446 19.37 6.86 -16.15
CA ASN B 446 20.36 5.85 -15.76
C ASN B 446 21.44 6.59 -14.98
N PHE B 447 21.26 6.62 -13.68
CA PHE B 447 22.16 7.32 -12.81
C PHE B 447 23.60 6.91 -12.97
N GLN B 448 23.84 5.74 -13.52
CA GLN B 448 25.20 5.24 -13.61
C GLN B 448 26.00 5.79 -14.77
N THR B 449 25.32 6.47 -15.66
CA THR B 449 25.95 7.00 -16.86
C THR B 449 26.33 8.50 -16.81
N PRO B 450 27.62 8.82 -16.81
CA PRO B 450 28.06 10.22 -16.79
C PRO B 450 27.70 10.84 -18.13
N GLY B 451 27.41 12.14 -18.13
CA GLY B 451 27.08 12.88 -19.35
C GLY B 451 26.34 14.16 -19.02
N PRO B 452 26.13 14.98 -20.03
CA PRO B 452 25.43 16.22 -19.85
C PRO B 452 24.08 16.04 -19.20
N GLU B 453 23.42 14.92 -19.52
CA GLU B 453 22.07 14.63 -19.05
C GLU B 453 22.02 14.47 -17.56
N MET B 454 22.91 13.66 -17.02
CA MET B 454 22.95 13.52 -15.58
C MET B 454 23.49 14.80 -14.93
N ASP B 455 24.28 15.56 -15.68
CA ASP B 455 24.84 16.81 -15.19
C ASP B 455 23.67 17.77 -14.94
N VAL B 456 22.84 17.94 -15.97
CA VAL B 456 21.70 18.79 -15.82
C VAL B 456 20.80 18.24 -14.72
N TYR B 457 20.65 16.93 -14.66
CA TYR B 457 19.78 16.32 -13.67
C TYR B 457 20.18 16.66 -12.28
N LEU B 458 21.42 16.36 -11.95
CA LEU B 458 21.87 16.61 -10.59
C LEU B 458 22.04 18.08 -10.33
N GLY B 459 22.11 18.86 -11.40
CA GLY B 459 22.22 20.29 -11.19
C GLY B 459 20.85 20.74 -10.66
N CYS B 460 19.78 20.30 -11.34
CA CYS B 460 18.43 20.62 -10.92
C CYS B 460 18.22 20.19 -9.49
N PHE B 461 18.61 18.98 -9.18
CA PHE B 461 18.39 18.46 -7.87
C PHE B 461 19.36 18.86 -6.81
N GLN B 462 20.23 19.81 -7.13
CA GLN B 462 21.15 20.28 -6.11
C GLN B 462 20.35 21.39 -5.42
N ASP B 463 19.34 21.86 -6.12
CA ASP B 463 18.44 22.88 -5.62
C ASP B 463 17.69 22.33 -4.40
N ASN B 464 17.01 23.21 -3.68
CA ASN B 464 16.22 22.83 -2.51
C ASN B 464 16.93 21.90 -1.59
N GLY B 465 18.21 22.18 -1.41
CA GLY B 465 19.00 21.41 -0.47
C GLY B 465 19.23 19.99 -0.88
N GLY B 466 19.00 19.70 -2.15
CA GLY B 466 19.22 18.35 -2.67
C GLY B 466 18.39 17.30 -1.95
N CYS B 467 17.20 17.67 -1.49
CA CYS B 467 16.32 16.72 -0.78
C CYS B 467 15.65 15.78 -1.78
N GLY B 468 15.65 16.14 -3.07
CA GLY B 468 15.12 15.28 -4.11
C GLY B 468 13.76 15.64 -4.63
N TYR B 469 13.15 16.66 -4.03
CA TYR B 469 11.84 17.08 -4.47
C TYR B 469 12.00 18.55 -4.74
N VAL B 470 11.65 19.00 -5.93
CA VAL B 470 11.81 20.39 -6.28
C VAL B 470 10.51 20.93 -6.81
N LEU B 471 10.02 21.97 -6.17
CA LEU B 471 8.73 22.56 -6.51
C LEU B 471 8.64 23.05 -7.89
N LYS B 472 7.63 22.60 -8.63
CA LYS B 472 7.47 23.06 -9.98
C LYS B 472 7.08 24.51 -9.94
N PRO B 473 7.24 25.19 -11.07
CA PRO B 473 6.82 26.58 -11.18
C PRO B 473 5.30 26.60 -11.02
N ALA B 474 4.79 27.72 -10.56
CA ALA B 474 3.36 27.84 -10.35
C ALA B 474 2.52 27.49 -11.57
N PHE B 475 2.82 28.07 -12.71
CA PHE B 475 2.00 27.79 -13.88
C PHE B 475 2.01 26.31 -14.20
N LEU B 476 2.88 25.53 -13.59
CA LEU B 476 2.87 24.09 -13.88
C LEU B 476 2.16 23.39 -12.75
N ARG B 477 1.58 24.20 -11.88
CA ARG B 477 0.84 23.70 -10.74
C ARG B 477 -0.60 24.22 -10.81
N ASP B 478 -0.96 24.80 -11.95
CA ASP B 478 -2.28 25.35 -12.18
C ASP B 478 -3.03 24.47 -13.12
N PRO B 479 -3.98 23.73 -12.58
CA PRO B 479 -4.82 22.83 -13.35
C PRO B 479 -5.47 23.52 -14.52
N ASN B 480 -5.34 24.83 -14.59
CA ASN B 480 -5.92 25.51 -15.69
C ASN B 480 -4.93 26.26 -16.56
N THR B 481 -3.64 25.94 -16.47
CA THR B 481 -2.70 26.68 -17.34
C THR B 481 -2.99 26.44 -18.77
N THR B 482 -2.67 27.42 -19.59
CA THR B 482 -2.81 27.23 -21.01
C THR B 482 -1.40 27.00 -21.49
N PHE B 483 -0.50 26.77 -20.53
CA PHE B 483 0.91 26.60 -20.86
C PHE B 483 1.27 25.44 -21.75
N ASN B 484 2.19 25.70 -22.67
CA ASN B 484 2.71 24.67 -23.57
C ASN B 484 4.07 25.18 -24.02
N SER B 485 5.12 24.63 -23.42
CA SER B 485 6.46 25.08 -23.71
C SER B 485 6.78 25.11 -25.18
N ARG B 486 6.06 24.32 -25.95
CA ARG B 486 6.31 24.33 -27.37
C ARG B 486 5.47 25.32 -28.14
N ALA B 487 4.44 25.88 -27.50
CA ALA B 487 3.59 26.89 -28.15
C ALA B 487 3.43 27.99 -27.13
N LEU B 488 4.46 28.81 -27.03
CA LEU B 488 4.44 29.86 -26.02
C LEU B 488 3.53 31.06 -26.32
N THR B 489 2.62 31.33 -25.40
CA THR B 489 1.72 32.45 -25.52
C THR B 489 2.00 33.29 -24.30
N GLN B 490 1.28 34.39 -24.12
CA GLN B 490 1.51 35.20 -22.95
C GLN B 490 0.94 34.53 -21.73
N GLY B 491 1.65 34.66 -20.62
CA GLY B 491 1.23 34.05 -19.37
C GLY B 491 2.35 34.29 -18.42
N PRO B 492 2.09 34.03 -17.16
CA PRO B 492 3.09 34.22 -16.12
C PRO B 492 4.45 33.55 -16.40
N TRP B 493 4.46 32.50 -17.20
CA TRP B 493 5.71 31.82 -17.51
C TRP B 493 6.58 32.69 -18.38
N TRP B 494 5.96 33.55 -19.17
CA TRP B 494 6.70 34.43 -20.07
C TRP B 494 7.27 35.65 -19.36
N ARG B 495 8.56 35.58 -19.05
CA ARG B 495 9.23 36.67 -18.36
C ARG B 495 10.66 36.81 -18.82
N PRO B 496 10.84 37.29 -20.03
CA PRO B 496 12.18 37.41 -20.59
C PRO B 496 13.21 38.11 -19.71
N GLU B 497 14.40 37.54 -19.65
CA GLU B 497 15.49 38.14 -18.90
C GLU B 497 16.71 38.13 -19.80
N ARG B 498 17.63 39.03 -19.51
CA ARG B 498 18.87 39.15 -20.29
C ARG B 498 19.94 38.63 -19.35
N LEU B 499 20.62 37.58 -19.73
CA LEU B 499 21.67 37.05 -18.88
C LEU B 499 22.98 37.34 -19.54
N ARG B 500 23.92 37.86 -18.77
CA ARG B 500 25.24 38.13 -19.28
C ARG B 500 26.15 37.34 -18.40
N VAL B 501 27.01 36.55 -19.01
CA VAL B 501 27.96 35.78 -18.23
C VAL B 501 29.32 36.07 -18.77
N ARG B 502 30.22 36.49 -17.88
CA ARG B 502 31.55 36.78 -18.32
C ARG B 502 32.44 35.72 -17.78
N ILE B 503 33.03 34.95 -18.68
CA ILE B 503 33.92 33.91 -18.28
C ILE B 503 35.23 34.65 -18.14
N ILE B 504 35.66 34.87 -16.91
CA ILE B 504 36.88 35.64 -16.68
C ILE B 504 38.12 34.79 -16.72
N SER B 505 38.23 33.90 -15.75
CA SER B 505 39.38 33.06 -15.66
C SER B 505 39.07 31.67 -15.06
N GLY B 506 40.04 30.76 -15.13
CA GLY B 506 39.92 29.43 -14.55
C GLY B 506 41.04 29.23 -13.55
N GLN B 507 40.78 28.50 -12.46
CA GLN B 507 41.78 28.21 -11.41
C GLN B 507 41.95 26.72 -11.27
N GLN B 508 43.18 26.25 -11.45
CA GLN B 508 43.48 24.84 -11.26
C GLN B 508 42.59 23.81 -11.92
N LEU B 509 42.37 23.97 -13.21
CA LEU B 509 41.60 23.01 -13.95
C LEU B 509 42.35 21.67 -13.88
N PRO B 510 41.64 20.61 -13.50
CA PRO B 510 42.24 19.28 -13.41
C PRO B 510 42.67 18.78 -14.79
N LYS B 511 43.83 18.13 -14.85
CA LYS B 511 44.28 17.55 -16.11
C LYS B 511 43.74 16.14 -16.01
N VAL B 512 42.74 15.84 -16.81
CA VAL B 512 42.07 14.54 -16.80
C VAL B 512 43.00 13.46 -17.37
N ASN B 513 43.24 13.61 -18.67
CA ASN B 513 44.19 12.89 -19.53
C ASN B 513 44.82 11.51 -19.27
N LYS B 514 45.06 10.84 -20.42
CA LYS B 514 45.77 9.55 -20.59
C LYS B 514 47.26 9.92 -20.82
N ASN B 515 47.62 11.16 -20.41
CA ASN B 515 48.96 11.71 -20.57
C ASN B 515 49.13 12.19 -22.01
N LYS B 516 50.36 12.13 -22.52
CA LYS B 516 50.67 12.64 -23.86
C LYS B 516 50.53 14.14 -23.69
N ASN B 517 51.65 14.82 -23.40
CA ASN B 517 51.69 16.27 -23.17
C ASN B 517 50.54 16.73 -22.27
N SER B 518 50.67 16.33 -21.03
CA SER B 518 49.64 16.52 -20.02
C SER B 518 49.38 17.88 -19.34
N ILE B 519 49.26 18.94 -20.14
CA ILE B 519 48.93 20.26 -19.61
C ILE B 519 47.73 20.71 -20.42
N VAL B 520 46.63 20.91 -19.75
CA VAL B 520 45.38 21.25 -20.41
C VAL B 520 45.42 22.44 -21.33
N ASP B 521 44.56 22.43 -22.34
CA ASP B 521 44.42 23.52 -23.27
C ASP B 521 42.90 23.81 -23.22
N PRO B 522 42.47 24.47 -22.16
CA PRO B 522 41.06 24.69 -21.87
C PRO B 522 40.26 25.72 -22.62
N LYS B 523 38.97 25.41 -22.77
CA LYS B 523 37.96 26.30 -23.34
C LYS B 523 36.70 26.11 -22.48
N VAL B 524 35.80 27.08 -22.53
CA VAL B 524 34.59 26.99 -21.73
C VAL B 524 33.38 27.12 -22.60
N ILE B 525 32.39 26.27 -22.34
CA ILE B 525 31.14 26.27 -23.06
C ILE B 525 30.08 26.68 -22.05
N VAL B 526 29.21 27.59 -22.45
CA VAL B 526 28.17 28.03 -21.57
C VAL B 526 26.92 27.69 -22.34
N GLU B 527 26.03 26.97 -21.66
CA GLU B 527 24.78 26.52 -22.28
C GLU B 527 23.54 26.92 -21.47
N ILE B 528 22.48 27.20 -22.21
CA ILE B 528 21.19 27.49 -21.63
C ILE B 528 20.30 26.30 -21.97
N HIS B 529 19.75 25.67 -20.93
CA HIS B 529 18.80 24.58 -21.09
C HIS B 529 17.45 25.05 -20.56
N GLY B 530 16.38 24.76 -21.29
CA GLY B 530 15.04 25.16 -20.86
C GLY B 530 14.13 24.96 -22.03
N VAL B 531 13.10 25.79 -22.16
CA VAL B 531 12.18 25.66 -23.28
C VAL B 531 12.98 25.74 -24.56
N GLY B 532 12.54 25.03 -25.58
CA GLY B 532 13.26 24.96 -26.84
C GLY B 532 13.69 26.31 -27.35
N ARG B 533 12.84 27.30 -27.16
CA ARG B 533 13.10 28.66 -27.62
C ARG B 533 14.32 29.27 -26.96
N ASP B 534 14.60 28.84 -25.74
CA ASP B 534 15.68 29.41 -24.98
C ASP B 534 16.97 28.67 -25.04
N THR B 535 16.95 27.43 -25.50
CA THR B 535 18.20 26.66 -25.52
C THR B 535 19.26 27.34 -26.40
N GLY B 536 20.47 27.42 -25.87
CA GLY B 536 21.56 28.08 -26.56
C GLY B 536 22.89 27.57 -25.98
N SER B 537 23.97 27.75 -26.74
CA SER B 537 25.30 27.35 -26.31
C SER B 537 26.32 28.31 -26.91
N ARG B 538 27.39 28.60 -26.18
CA ARG B 538 28.42 29.48 -26.70
C ARG B 538 29.70 28.98 -26.16
N GLN B 539 30.79 29.25 -26.85
CA GLN B 539 32.08 28.81 -26.35
C GLN B 539 33.18 29.83 -26.47
N THR B 540 34.13 29.71 -25.56
CA THR B 540 35.24 30.60 -25.54
C THR B 540 36.32 30.05 -26.43
N ALA B 541 37.36 30.84 -26.55
CA ALA B 541 38.51 30.46 -27.29
C ALA B 541 39.21 29.47 -26.41
N VAL B 542 40.25 28.88 -26.95
CA VAL B 542 41.06 27.92 -26.23
C VAL B 542 42.33 28.62 -25.75
N ILE B 543 42.73 28.38 -24.52
CA ILE B 543 43.96 28.93 -23.95
C ILE B 543 44.91 27.74 -24.03
N THR B 544 45.98 27.89 -24.77
CA THR B 544 46.87 26.77 -24.90
C THR B 544 47.82 26.59 -23.77
N ASN B 545 47.96 25.35 -23.34
CA ASN B 545 48.87 25.00 -22.28
C ASN B 545 48.71 25.71 -20.97
N ASN B 546 47.49 25.84 -20.49
CA ASN B 546 47.32 26.46 -19.18
C ASN B 546 46.05 26.00 -18.53
N GLY B 547 46.20 25.39 -17.36
CA GLY B 547 45.06 24.91 -16.62
C GLY B 547 45.17 25.53 -15.25
N PHE B 548 46.35 26.03 -14.96
CA PHE B 548 46.55 26.63 -13.66
C PHE B 548 45.80 27.95 -13.51
N ASN B 549 45.70 28.68 -14.60
CA ASN B 549 45.07 29.97 -14.51
C ASN B 549 44.81 30.63 -15.82
N PRO B 550 44.21 29.88 -16.72
CA PRO B 550 43.86 30.42 -18.02
C PRO B 550 42.98 31.65 -17.78
N ARG B 551 42.99 32.60 -18.69
CA ARG B 551 42.15 33.79 -18.54
C ARG B 551 41.50 33.97 -19.88
N TRP B 552 40.18 34.09 -19.93
CA TRP B 552 39.53 34.24 -21.20
C TRP B 552 38.97 35.61 -21.34
N ASP B 553 38.36 36.09 -20.27
CA ASP B 553 37.71 37.40 -20.26
C ASP B 553 36.79 37.54 -21.44
N MET B 554 35.88 36.60 -21.57
CA MET B 554 34.93 36.63 -22.66
C MET B 554 33.53 36.61 -22.07
N GLU B 555 32.62 37.37 -22.69
CA GLU B 555 31.28 37.48 -22.20
C GLU B 555 30.27 37.15 -23.25
N PHE B 556 29.23 36.43 -22.82
CA PHE B 556 28.15 36.00 -23.71
C PHE B 556 26.88 36.52 -23.12
N GLU B 557 25.94 36.87 -23.98
CA GLU B 557 24.65 37.33 -23.51
C GLU B 557 23.60 36.39 -24.10
N PHE B 558 22.63 36.01 -23.27
CA PHE B 558 21.53 35.16 -23.70
C PHE B 558 20.21 35.78 -23.33
N GLU B 559 19.19 35.52 -24.14
CA GLU B 559 17.86 35.94 -23.80
C GLU B 559 17.11 34.72 -23.38
N VAL B 560 16.50 34.78 -22.22
CA VAL B 560 15.77 33.66 -21.69
C VAL B 560 14.34 34.10 -21.40
N THR B 561 13.39 33.52 -22.13
CA THR B 561 12.00 33.89 -22.04
C THR B 561 11.24 33.16 -20.94
N VAL B 562 11.70 31.97 -20.59
CA VAL B 562 11.03 31.20 -19.57
C VAL B 562 12.05 30.74 -18.53
N PRO B 563 12.65 31.70 -17.88
CA PRO B 563 13.68 31.43 -16.90
C PRO B 563 13.29 30.44 -15.85
N ASP B 564 12.00 30.31 -15.60
CA ASP B 564 11.57 29.43 -14.52
C ASP B 564 11.85 27.95 -14.83
N LEU B 565 12.11 27.67 -16.10
CA LEU B 565 12.39 26.31 -16.55
C LEU B 565 13.84 26.15 -17.05
N ALA B 566 14.64 27.21 -16.89
CA ALA B 566 16.02 27.23 -17.37
C ALA B 566 17.09 26.82 -16.39
N LEU B 567 18.21 26.37 -16.95
CA LEU B 567 19.39 26.01 -16.19
C LEU B 567 20.56 26.49 -17.02
N VAL B 568 21.58 26.97 -16.35
CA VAL B 568 22.75 27.50 -17.03
C VAL B 568 23.88 26.55 -16.73
N ARG B 569 24.52 26.08 -17.78
CA ARG B 569 25.58 25.11 -17.57
C ARG B 569 26.92 25.58 -18.08
N PHE B 570 27.91 25.34 -17.26
CA PHE B 570 29.28 25.69 -17.58
C PHE B 570 30.04 24.40 -17.79
N MET B 571 30.64 24.25 -18.97
CA MET B 571 31.43 23.05 -19.21
C MET B 571 32.82 23.39 -19.70
N VAL B 572 33.81 22.77 -19.08
CA VAL B 572 35.19 22.98 -19.45
C VAL B 572 35.79 21.77 -20.19
N GLU B 573 36.26 21.99 -21.40
CA GLU B 573 36.85 20.95 -22.22
C GLU B 573 38.34 21.17 -22.46
N ASP B 574 39.03 20.07 -22.76
CA ASP B 574 40.44 20.14 -23.10
C ASP B 574 40.50 19.96 -24.59
N TYR B 575 40.91 20.98 -25.31
CA TYR B 575 40.92 20.90 -26.74
C TYR B 575 41.97 19.95 -27.25
N ASP B 576 41.57 19.10 -28.19
CA ASP B 576 42.47 18.16 -28.80
C ASP B 576 42.22 18.38 -30.25
N SER B 577 43.27 18.83 -30.91
CA SER B 577 43.21 19.14 -32.32
C SER B 577 42.78 17.92 -33.11
N SER B 578 43.35 16.78 -32.72
CA SER B 578 43.19 15.47 -33.35
C SER B 578 41.98 14.63 -32.90
N SER B 579 41.68 14.67 -31.60
CA SER B 579 40.56 13.91 -31.04
C SER B 579 39.38 14.79 -30.55
N LYS B 580 38.31 14.14 -30.10
CA LYS B 580 37.20 14.91 -29.57
C LYS B 580 37.80 15.47 -28.30
N ASN B 581 37.37 16.66 -27.91
CA ASN B 581 37.94 17.28 -26.73
C ASN B 581 37.48 16.71 -25.44
N ASP B 582 38.45 16.36 -24.60
CA ASP B 582 38.18 15.81 -23.31
C ASP B 582 37.43 16.78 -22.40
N PHE B 583 36.61 16.20 -21.52
CA PHE B 583 35.82 16.90 -20.55
C PHE B 583 36.72 17.15 -19.36
N ILE B 584 36.72 18.38 -18.84
CA ILE B 584 37.53 18.68 -17.67
C ILE B 584 36.66 18.80 -16.42
N GLY B 585 35.59 19.56 -16.52
CA GLY B 585 34.73 19.78 -15.37
C GLY B 585 33.48 20.48 -15.84
N GLN B 586 32.49 20.54 -14.96
CA GLN B 586 31.21 21.09 -15.33
C GLN B 586 30.48 21.55 -14.07
N SER B 587 29.43 22.35 -14.30
CA SER B 587 28.53 22.89 -13.28
C SER B 587 27.24 23.32 -13.93
N THR B 588 26.14 22.85 -13.35
CA THR B 588 24.82 23.20 -13.86
C THR B 588 24.04 23.88 -12.76
N ILE B 589 23.55 25.08 -13.06
CA ILE B 589 22.86 25.89 -12.05
C ILE B 589 21.50 26.31 -12.53
N PRO B 590 20.48 25.91 -11.78
CA PRO B 590 19.11 26.25 -12.09
C PRO B 590 19.00 27.78 -12.05
N TRP B 591 18.31 28.36 -13.02
CA TRP B 591 18.17 29.81 -13.11
C TRP B 591 17.94 30.59 -11.79
N ASN B 592 16.94 30.22 -11.02
CA ASN B 592 16.69 30.94 -9.80
C ASN B 592 17.72 30.71 -8.71
N SER B 593 18.73 29.89 -8.98
CA SER B 593 19.78 29.67 -7.98
C SER B 593 21.08 30.35 -8.43
N LEU B 594 21.04 30.93 -9.60
CA LEU B 594 22.19 31.59 -10.15
C LEU B 594 22.45 32.93 -9.45
N LYS B 595 23.51 33.00 -8.67
CA LYS B 595 23.88 34.24 -7.99
C LYS B 595 24.52 35.28 -8.95
N GLN B 596 24.36 36.57 -8.70
CA GLN B 596 24.95 37.57 -9.56
C GLN B 596 26.23 38.19 -9.05
N GLY B 597 26.89 38.93 -9.93
CA GLY B 597 28.14 39.56 -9.55
C GLY B 597 29.36 38.68 -9.82
N TYR B 598 30.40 38.90 -9.03
CA TYR B 598 31.62 38.13 -9.17
C TYR B 598 31.42 36.88 -8.37
N ARG B 599 31.60 35.72 -9.01
CA ARG B 599 31.46 34.45 -8.29
C ARG B 599 32.37 33.40 -8.88
N HIS B 600 32.51 32.30 -8.17
CA HIS B 600 33.26 31.17 -8.67
C HIS B 600 32.32 30.01 -8.97
N VAL B 601 32.55 29.34 -10.08
CA VAL B 601 31.74 28.19 -10.43
C VAL B 601 32.61 27.02 -10.00
N HIS B 602 32.15 26.24 -9.05
CA HIS B 602 32.90 25.10 -8.59
C HIS B 602 32.67 23.86 -9.45
N LEU B 603 33.70 23.48 -10.21
CA LEU B 603 33.62 22.38 -11.17
C LEU B 603 33.54 20.98 -10.60
N LEU B 604 32.73 20.17 -11.27
CA LEU B 604 32.56 18.78 -10.87
C LEU B 604 33.08 17.86 -11.95
N SER B 605 33.51 16.68 -11.52
CA SER B 605 34.00 15.61 -12.41
C SER B 605 32.79 15.02 -13.11
N LYS B 606 33.03 14.16 -14.10
CA LYS B 606 31.92 13.56 -14.83
C LYS B 606 31.05 12.65 -13.99
N ASN B 607 31.53 12.27 -12.83
CA ASN B 607 30.75 11.43 -11.93
C ASN B 607 30.03 12.22 -10.86
N GLY B 608 29.98 13.54 -11.04
CA GLY B 608 29.33 14.42 -10.08
C GLY B 608 30.16 14.79 -8.87
N ASP B 609 31.37 14.28 -8.81
CA ASP B 609 32.22 14.60 -7.69
C ASP B 609 32.75 16.04 -7.72
N GLN B 610 32.81 16.63 -6.54
CA GLN B 610 33.31 17.98 -6.39
C GLN B 610 34.82 18.01 -6.63
N HIS B 611 35.27 18.93 -7.46
CA HIS B 611 36.69 19.05 -7.69
C HIS B 611 37.13 20.13 -6.74
N PRO B 612 37.77 19.72 -5.68
CA PRO B 612 38.27 20.59 -4.62
C PRO B 612 38.68 22.06 -4.96
N SER B 613 39.62 22.23 -5.89
CA SER B 613 40.08 23.57 -6.19
C SER B 613 39.95 23.97 -7.63
N ALA B 614 39.12 23.27 -8.38
CA ALA B 614 38.92 23.62 -9.77
C ALA B 614 37.73 24.55 -9.84
N THR B 615 37.96 25.77 -10.30
CA THR B 615 36.90 26.75 -10.37
C THR B 615 36.99 27.57 -11.61
N LEU B 616 35.92 28.28 -11.88
CA LEU B 616 35.86 29.25 -12.95
C LEU B 616 35.45 30.50 -12.18
N PHE B 617 36.02 31.64 -12.52
CA PHE B 617 35.67 32.91 -11.90
C PHE B 617 34.88 33.63 -12.95
N VAL B 618 33.68 34.07 -12.60
CA VAL B 618 32.84 34.73 -13.60
C VAL B 618 32.14 35.95 -13.00
N LYS B 619 31.49 36.72 -13.87
CA LYS B 619 30.68 37.84 -13.45
C LYS B 619 29.34 37.65 -14.14
N ILE B 620 28.29 37.48 -13.34
CA ILE B 620 26.95 37.21 -13.84
C ILE B 620 26.02 38.37 -13.58
N SER B 621 25.19 38.64 -14.57
CA SER B 621 24.23 39.70 -14.46
C SER B 621 22.93 39.31 -15.16
N ILE B 622 21.83 39.43 -14.42
CA ILE B 622 20.51 39.13 -14.95
C ILE B 622 19.69 40.43 -14.93
N GLN B 623 19.10 40.78 -16.07
CA GLN B 623 18.32 41.98 -16.23
C GLN B 623 17.05 41.67 -16.99
N ASP B 624 16.34 42.73 -17.35
CA ASP B 624 15.11 42.61 -18.13
C ASP B 624 15.21 43.14 -19.59
CA CA C . -40.29 -32.10 0.60
CA CA D . 1.52 -39.20 11.82
CA CA E . -1.77 -37.49 7.85
C ACT F . -16.80 -30.67 7.45
O ACT F . -17.48 -30.18 8.37
OXT ACT F . -16.26 -29.94 6.59
CH3 ACT F . -16.63 -32.18 7.34
C1 CIP G . -38.04 -31.29 -3.25
C2 CIP G . -37.91 -30.37 -1.99
C3 CIP G . -38.52 -28.98 -2.13
C4 CIP G . -39.87 -28.94 -2.83
C5 CIP G . -39.67 -29.59 -4.22
C6 CIP G . -39.34 -31.06 -4.09
C7 CIP G . -38.38 -31.15 -0.78
O1 CIP G . -38.02 -32.61 -2.71
O3 CIP G . -38.54 -28.27 -0.91
O4 CIP G . -39.99 -27.51 -3.11
O5 CIP G . -40.85 -29.46 -5.00
O6 CIP G . -39.15 -31.45 -5.42
P CIP G . -39.02 -32.68 -1.45
O1P CIP G . -38.83 -34.01 -0.53
O2P CIP G . -40.59 -32.62 -1.84
CA CA H . 12.73 -2.35 -15.13
CA CA I . 49.22 20.74 -23.95
CA CA J . 44.48 19.14 -25.68
C ACT K . 29.94 15.00 -18.95
O ACT K . 29.72 15.03 -17.70
OXT ACT K . 29.39 15.76 -19.78
CH3 ACT K . 30.93 13.98 -19.46
C1 CIP L . 11.80 -0.69 -19.22
C2 CIP L . 11.84 0.29 -18.00
C3 CIP L . 10.47 0.80 -17.50
C4 CIP L . 9.31 -0.17 -17.70
C5 CIP L . 9.32 -0.60 -19.18
C6 CIP L . 10.49 -1.54 -19.30
C7 CIP L . 12.66 -0.37 -16.86
O1 CIP L . 12.91 -1.57 -18.99
O3 CIP L . 10.60 1.04 -16.12
O4 CIP L . 8.13 0.53 -17.35
O5 CIP L . 8.16 -1.38 -19.35
O6 CIP L . 10.25 -2.18 -20.54
P CIP L . 12.92 -2.02 -17.45
O1P CIP L . 14.28 -2.78 -17.01
O2P CIP L . 11.70 -3.01 -17.09
#